data_7MDN
#
_entry.id   7MDN
#
_cell.length_a   68.300
_cell.length_b   69.100
_cell.length_c   80.192
_cell.angle_alpha   75.520
_cell.angle_beta   79.360
_cell.angle_gamma   60.470
#
_symmetry.space_group_name_H-M   'P 1'
#
loop_
_entity.id
_entity.type
_entity.pdbx_description
1 polymer 'Histone-lysine N-methyltransferase NSD2'
2 non-polymer ~{N}-cyclopropyl-3-oxidanylidene-~{N}-(thiophen-2-ylmethyl)-4~{H}-1,4-benzoxazine-7-carboxamide
3 non-polymer 'UNKNOWN ATOM OR ION'
4 water water
#
_entity_poly.entity_id   1
_entity_poly.type   'polypeptide(L)'
_entity_poly.pdbx_seq_one_letter_code
;GRDKDHLLKYNVGDLVWSKVSGYPWWPCMVSADPLLHSYTKLKGQKKSARQYHVQFFGDAPERAWIFEKSLVAFEGEGQF
EKLCQESAKQAPTKAEKIKLLKPISGKLRAQWEMGIVQAEEAASMSVEERKAKFTFLYVG
;
_entity_poly.pdbx_strand_id   A,B,C,D,E,F,G,H
#
loop_
_chem_comp.id
_chem_comp.type
_chem_comp.name
_chem_comp.formula
UNX non-polymer 'UNKNOWN ATOM OR ION' ?
Y6V non-polymer ~{N}-cyclopropyl-3-oxidanylidene-~{N}-(thiophen-2-ylmethyl)-4~{H}-1,4-benzoxazine-7-carboxamide 'C17 H16 N2 O3 S'
#
# COMPACT_ATOMS: atom_id res chain seq x y z
N LYS A 4 -3.12 3.52 34.08
CA LYS A 4 -3.09 4.96 34.19
C LYS A 4 -1.79 5.57 33.60
N ASP A 5 -1.98 6.51 32.63
CA ASP A 5 -1.03 7.29 31.82
C ASP A 5 -0.75 8.68 32.44
N HIS A 6 -1.73 9.22 33.22
CA HIS A 6 -1.69 10.53 33.92
C HIS A 6 -0.53 10.64 34.96
N LEU A 7 0.24 9.53 35.14
CA LEU A 7 1.35 9.45 36.08
C LEU A 7 2.74 9.58 35.42
N LEU A 8 2.85 9.53 34.10
CA LEU A 8 4.17 9.60 33.47
C LEU A 8 4.48 11.03 33.00
N LYS A 9 5.79 11.37 32.81
CA LYS A 9 6.20 12.70 32.37
C LYS A 9 5.64 13.00 30.97
N TYR A 10 5.71 12.00 30.06
CA TYR A 10 5.23 12.12 28.68
C TYR A 10 4.13 11.15 28.38
N ASN A 11 3.31 11.53 27.41
CA ASN A 11 2.21 10.70 26.94
C ASN A 11 2.18 10.71 25.41
N VAL A 12 1.45 9.75 24.78
CA VAL A 12 1.31 9.65 23.33
C VAL A 12 0.86 11.01 22.80
N GLY A 13 1.56 11.51 21.78
CA GLY A 13 1.24 12.79 21.15
C GLY A 13 2.11 13.94 21.64
N ASP A 14 2.81 13.77 22.76
CA ASP A 14 3.67 14.83 23.27
C ASP A 14 4.88 15.02 22.34
N LEU A 15 5.23 16.28 22.12
CA LEU A 15 6.35 16.70 21.30
C LEU A 15 7.60 16.80 22.17
N VAL A 16 8.67 16.10 21.75
CA VAL A 16 9.94 16.09 22.48
C VAL A 16 11.13 16.25 21.53
N TRP A 17 12.29 16.65 22.05
CA TRP A 17 13.56 16.65 21.32
C TRP A 17 14.24 15.35 21.80
N SER A 18 14.81 14.55 20.87
CA SER A 18 15.52 13.29 21.21
C SER A 18 16.99 13.37 20.81
N LYS A 19 17.88 12.85 21.66
CA LYS A 19 19.29 12.84 21.35
C LYS A 19 19.75 11.43 21.13
N VAL A 20 20.27 11.16 19.93
CA VAL A 20 20.86 9.90 19.51
C VAL A 20 22.30 10.27 19.20
N SER A 21 23.26 9.54 19.79
CA SER A 21 24.69 9.77 19.59
C SER A 21 25.03 9.82 18.09
N GLY A 22 25.68 10.91 17.68
CA GLY A 22 26.08 11.13 16.29
C GLY A 22 25.07 11.89 15.45
N TYR A 23 23.98 12.38 16.11
CA TYR A 23 22.91 13.14 15.45
C TYR A 23 22.52 14.38 16.21
N PRO A 24 22.00 15.44 15.55
CA PRO A 24 21.59 16.62 16.32
C PRO A 24 20.30 16.35 17.09
N TRP A 25 20.02 17.13 18.17
CA TRP A 25 18.77 17.03 18.92
C TRP A 25 17.65 17.11 17.87
N TRP A 26 16.76 16.12 17.86
CA TRP A 26 15.79 16.05 16.77
C TRP A 26 14.34 16.22 17.21
N PRO A 27 13.54 17.03 16.45
CA PRO A 27 12.10 17.15 16.75
C PRO A 27 11.35 15.80 16.59
N CYS A 28 10.67 15.34 17.65
CA CYS A 28 9.93 14.07 17.71
C CYS A 28 8.54 14.23 18.32
N MET A 29 7.73 13.17 18.20
CA MET A 29 6.45 13.02 18.88
C MET A 29 6.52 11.65 19.58
N VAL A 30 6.01 11.55 20.81
CA VAL A 30 5.92 10.30 21.59
C VAL A 30 4.77 9.52 20.95
N SER A 31 5.00 8.22 20.64
CA SER A 31 4.01 7.41 19.97
C SER A 31 4.13 5.98 20.36
N ALA A 32 3.09 5.19 20.06
CA ALA A 32 3.05 3.77 20.36
C ALA A 32 3.89 3.02 19.33
N ASP A 33 4.60 1.94 19.77
CA ASP A 33 5.35 1.08 18.87
C ASP A 33 4.31 0.43 17.89
N PRO A 34 4.49 0.55 16.54
CA PRO A 34 3.48 0.01 15.60
C PRO A 34 3.21 -1.47 15.73
N LEU A 35 4.21 -2.24 16.23
CA LEU A 35 4.14 -3.68 16.46
C LEU A 35 3.90 -4.04 17.91
N LEU A 36 4.63 -3.40 18.84
CA LEU A 36 4.55 -3.78 20.26
C LEU A 36 3.39 -3.09 21.00
N HIS A 37 2.84 -1.99 20.43
CA HIS A 37 1.68 -1.22 20.92
C HIS A 37 1.89 -0.60 22.29
N SER A 38 3.15 -0.45 22.73
CA SER A 38 3.46 0.23 24.00
C SER A 38 4.17 1.56 23.64
N TYR A 39 4.07 2.60 24.51
CA TYR A 39 4.72 3.88 24.23
C TYR A 39 5.84 4.20 25.23
N THR A 40 5.90 3.48 26.34
CA THR A 40 6.89 3.63 27.40
C THR A 40 7.19 2.26 27.99
N LYS A 41 8.40 2.09 28.51
CA LYS A 41 8.85 0.85 29.15
C LYS A 41 10.03 1.14 30.07
N LEU A 42 10.35 0.18 30.94
CA LEU A 42 11.48 0.22 31.84
C LEU A 42 12.52 -0.76 31.33
N LYS A 43 13.79 -0.31 31.23
CA LYS A 43 14.91 -1.10 30.74
C LYS A 43 15.95 -1.30 31.84
N SER A 48 14.61 -0.31 35.63
CA SER A 48 15.30 0.72 36.41
C SER A 48 15.35 2.09 35.69
N ALA A 49 15.34 2.12 34.36
CA ALA A 49 15.38 3.38 33.59
C ALA A 49 14.28 3.43 32.50
N ARG A 50 13.45 4.47 32.53
CA ARG A 50 12.33 4.67 31.61
C ARG A 50 12.74 5.11 30.22
N GLN A 51 12.10 4.49 29.22
CA GLN A 51 12.24 4.81 27.82
C GLN A 51 10.86 5.11 27.27
N TYR A 52 10.83 5.89 26.17
CA TYR A 52 9.63 6.24 25.46
C TYR A 52 9.89 5.95 24.01
N HIS A 53 8.85 5.45 23.34
CA HIS A 53 8.93 5.19 21.92
C HIS A 53 8.64 6.55 21.26
N VAL A 54 9.49 6.97 20.30
CA VAL A 54 9.30 8.23 19.61
C VAL A 54 9.38 8.04 18.11
N GLN A 55 8.84 9.01 17.40
CA GLN A 55 8.93 9.08 15.96
C GLN A 55 9.70 10.35 15.66
N PHE A 56 10.67 10.26 14.73
CA PHE A 56 11.48 11.40 14.31
C PHE A 56 10.75 12.12 13.19
N PHE A 57 10.45 13.40 13.38
CA PHE A 57 9.78 14.21 12.36
C PHE A 57 10.69 14.48 11.15
N GLY A 58 10.08 14.51 9.97
CA GLY A 58 10.76 14.77 8.72
C GLY A 58 10.09 14.12 7.53
N ASP A 59 10.70 14.33 6.35
CA ASP A 59 10.26 13.75 5.07
C ASP A 59 10.60 12.24 4.98
N ALA A 60 11.60 11.74 5.76
CA ALA A 60 12.02 10.32 5.83
C ALA A 60 11.87 9.89 7.29
N PRO A 61 10.62 9.61 7.78
CA PRO A 61 10.43 9.30 9.19
C PRO A 61 11.07 8.00 9.65
N GLU A 62 11.59 8.06 10.89
CA GLU A 62 12.23 6.95 11.58
C GLU A 62 11.59 6.90 12.97
N ARG A 63 11.85 5.84 13.74
CA ARG A 63 11.37 5.67 15.10
C ARG A 63 12.41 4.96 15.96
N ALA A 64 12.28 5.11 17.30
CA ALA A 64 13.18 4.48 18.27
C ALA A 64 12.64 4.53 19.70
N TRP A 65 13.22 3.69 20.57
CA TRP A 65 13.00 3.65 22.02
C TRP A 65 14.15 4.47 22.58
N ILE A 66 13.83 5.66 23.11
CA ILE A 66 14.79 6.62 23.67
C ILE A 66 14.57 6.77 25.20
N PHE A 67 15.69 6.79 25.97
CA PHE A 67 15.69 6.99 27.39
C PHE A 67 15.21 8.40 27.72
N GLU A 68 14.45 8.52 28.83
CA GLU A 68 13.91 9.78 29.35
C GLU A 68 15.02 10.83 29.51
N LYS A 69 16.24 10.42 29.96
CA LYS A 69 17.44 11.26 30.14
C LYS A 69 17.84 11.96 28.86
N SER A 70 17.49 11.38 27.68
CA SER A 70 17.79 11.87 26.34
C SER A 70 16.57 12.57 25.68
N LEU A 71 15.55 12.91 26.49
CA LEU A 71 14.35 13.61 26.02
C LEU A 71 14.18 14.94 26.76
N VAL A 72 13.73 15.94 26.02
CA VAL A 72 13.45 17.29 26.50
C VAL A 72 12.15 17.72 25.82
N ALA A 73 11.17 18.22 26.60
CA ALA A 73 9.87 18.67 26.09
C ALA A 73 10.09 19.72 25.00
N PHE A 74 9.41 19.56 23.87
CA PHE A 74 9.55 20.49 22.76
C PHE A 74 8.61 21.71 22.93
N GLU A 75 9.21 22.90 22.90
CA GLU A 75 8.52 24.19 22.96
C GLU A 75 8.62 24.87 21.58
N GLY A 76 9.82 24.84 21.00
CA GLY A 76 10.10 25.38 19.68
C GLY A 76 11.57 25.28 19.30
N GLU A 77 11.90 25.73 18.06
CA GLU A 77 13.25 25.73 17.47
C GLU A 77 14.28 26.50 18.33
N GLY A 78 13.84 27.58 18.99
CA GLY A 78 14.68 28.43 19.83
C GLY A 78 15.47 27.73 20.93
N GLN A 79 15.05 26.50 21.31
CA GLN A 79 15.68 25.70 22.37
C GLN A 79 16.97 25.02 21.92
N PHE A 80 17.05 24.70 20.61
CA PHE A 80 18.14 23.94 19.98
C PHE A 80 19.54 24.43 20.35
N GLU A 81 19.80 25.74 20.28
CA GLU A 81 21.12 26.32 20.57
C GLU A 81 21.59 25.95 21.97
N LYS A 82 20.73 26.15 23.00
CA LYS A 82 21.03 25.81 24.39
C LYS A 82 21.22 24.31 24.57
N LEU A 83 20.41 23.48 23.87
CA LEU A 83 20.51 22.03 23.94
C LEU A 83 21.90 21.55 23.48
N CYS A 84 22.43 22.14 22.37
CA CYS A 84 23.77 21.87 21.80
C CYS A 84 24.87 22.25 22.75
N GLN A 85 24.79 23.48 23.31
CA GLN A 85 25.75 24.05 24.24
C GLN A 85 25.80 23.25 25.54
N GLU A 86 24.64 22.76 26.02
CA GLU A 86 24.58 21.97 27.26
C GLU A 86 25.11 20.55 27.03
N SER A 87 24.80 19.95 25.84
CA SER A 87 25.26 18.61 25.45
C SER A 87 26.77 18.60 25.23
N ALA A 88 27.32 19.70 24.66
CA ALA A 88 28.75 19.88 24.42
C ALA A 88 29.52 19.95 25.75
N LYS A 89 29.00 20.69 26.74
CA LYS A 89 29.62 20.85 28.06
C LYS A 89 29.60 19.55 28.86
N THR A 93 34.45 13.47 26.32
CA THR A 93 35.30 13.29 25.14
C THR A 93 35.47 14.60 24.38
N LYS A 94 36.74 15.00 24.10
CA LYS A 94 37.12 16.23 23.39
C LYS A 94 36.59 16.26 21.94
N ALA A 95 36.62 15.10 21.26
CA ALA A 95 36.16 14.94 19.86
C ALA A 95 34.65 15.11 19.75
N GLU A 96 33.90 14.58 20.74
CA GLU A 96 32.44 14.63 20.84
C GLU A 96 31.90 16.07 20.89
N LYS A 97 32.60 16.96 21.65
CA LYS A 97 32.25 18.38 21.84
C LYS A 97 32.35 19.17 20.53
N ILE A 98 33.47 19.02 19.78
CA ILE A 98 33.71 19.70 18.51
C ILE A 98 32.65 19.29 17.47
N LYS A 99 32.23 18.01 17.51
CA LYS A 99 31.20 17.45 16.64
C LYS A 99 29.82 18.00 16.96
N LEU A 100 29.46 18.07 18.27
CA LEU A 100 28.17 18.55 18.78
C LEU A 100 27.89 20.03 18.46
N LEU A 101 28.94 20.90 18.52
CA LEU A 101 28.81 22.34 18.27
C LEU A 101 28.69 22.67 16.77
N LYS A 102 29.22 21.79 15.88
CA LYS A 102 29.22 21.96 14.42
C LYS A 102 27.80 21.99 13.82
N PRO A 103 27.46 23.04 13.01
CA PRO A 103 26.10 23.09 12.40
C PRO A 103 25.92 22.10 11.25
N ILE A 104 24.72 21.44 11.22
CA ILE A 104 24.31 20.41 10.25
C ILE A 104 24.28 20.96 8.81
N SER A 105 24.57 20.07 7.83
CA SER A 105 24.63 20.42 6.40
C SER A 105 23.96 19.35 5.52
N GLY A 106 23.81 19.67 4.22
CA GLY A 106 23.24 18.82 3.17
C GLY A 106 21.86 18.25 3.42
N LYS A 107 21.73 16.94 3.13
CA LYS A 107 20.51 16.16 3.26
C LYS A 107 19.97 16.21 4.69
N LEU A 108 20.84 16.02 5.70
CA LEU A 108 20.45 16.01 7.11
C LEU A 108 19.88 17.37 7.58
N ARG A 109 20.48 18.50 7.12
CA ARG A 109 20.01 19.85 7.45
C ARG A 109 18.60 20.06 6.90
N ALA A 110 18.34 19.59 5.66
CA ALA A 110 17.03 19.69 4.99
C ALA A 110 15.95 18.90 5.75
N GLN A 111 16.27 17.67 6.13
CA GLN A 111 15.36 16.77 6.84
C GLN A 111 15.12 17.23 8.29
N TRP A 112 16.16 17.81 8.92
CA TRP A 112 16.02 18.39 10.27
C TRP A 112 15.08 19.58 10.15
N GLU A 113 15.32 20.47 9.18
CA GLU A 113 14.44 21.61 8.90
C GLU A 113 13.00 21.13 8.64
N MET A 114 12.81 20.07 7.86
CA MET A 114 11.48 19.52 7.56
C MET A 114 10.79 19.06 8.84
N GLY A 115 11.54 18.44 9.73
CA GLY A 115 11.04 17.98 11.04
C GLY A 115 10.54 19.10 11.93
N ILE A 116 11.30 20.18 12.06
CA ILE A 116 10.97 21.38 12.83
C ILE A 116 9.66 22.03 12.32
N VAL A 117 9.53 22.18 11.00
CA VAL A 117 8.35 22.73 10.33
C VAL A 117 7.13 21.87 10.71
N GLN A 118 7.27 20.53 10.68
CA GLN A 118 6.24 19.58 11.06
C GLN A 118 5.93 19.68 12.55
N ALA A 119 6.97 19.75 13.41
CA ALA A 119 6.81 19.82 14.86
C ALA A 119 6.14 21.10 15.29
N GLU A 120 6.48 22.24 14.68
CA GLU A 120 5.89 23.54 14.97
C GLU A 120 4.42 23.60 14.52
N GLU A 121 4.09 22.96 13.41
CA GLU A 121 2.70 22.84 12.94
C GLU A 121 1.90 21.96 13.94
N ALA A 122 2.50 20.84 14.38
CA ALA A 122 1.94 19.92 15.36
C ALA A 122 1.71 20.61 16.70
N ALA A 123 2.66 21.48 17.15
CA ALA A 123 2.59 22.25 18.39
C ALA A 123 1.40 23.22 18.39
N SER A 124 1.01 23.74 17.23
CA SER A 124 -0.10 24.71 17.13
C SER A 124 -1.49 24.02 17.23
N MET A 125 -1.49 22.67 17.44
CA MET A 125 -2.68 21.80 17.49
C MET A 125 -2.95 21.20 18.85
N SER A 126 -4.23 20.79 19.08
CA SER A 126 -4.56 20.06 20.31
C SER A 126 -3.95 18.67 20.14
N VAL A 127 -3.59 17.99 21.24
CA VAL A 127 -2.95 16.64 21.23
C VAL A 127 -3.78 15.65 20.37
N GLU A 128 -5.14 15.73 20.38
CA GLU A 128 -5.95 14.75 19.65
C GLU A 128 -5.79 14.89 18.12
N GLU A 129 -5.89 16.12 17.61
CA GLU A 129 -5.75 16.46 16.21
C GLU A 129 -4.33 16.09 15.72
N ARG A 130 -3.28 16.52 16.44
CA ARG A 130 -1.89 16.23 16.08
C ARG A 130 -1.62 14.70 16.05
N LYS A 131 -2.32 13.92 16.90
CA LYS A 131 -2.22 12.46 16.93
C LYS A 131 -2.84 11.91 15.61
N ALA A 132 -4.02 12.42 15.23
CA ALA A 132 -4.71 12.03 13.98
C ALA A 132 -3.98 12.51 12.73
N LYS A 133 -3.27 13.66 12.79
CA LYS A 133 -2.58 14.18 11.61
C LYS A 133 -1.12 13.72 11.48
N PHE A 134 -0.37 13.70 12.58
CA PHE A 134 1.06 13.47 12.52
C PHE A 134 1.51 12.10 12.96
N THR A 135 0.62 11.16 13.26
CA THR A 135 1.11 9.82 13.62
C THR A 135 1.43 9.11 12.31
N PHE A 136 2.72 8.83 12.11
CA PHE A 136 3.25 8.14 10.93
C PHE A 136 2.81 6.68 10.94
N LEU A 137 2.27 6.21 9.80
CA LEU A 137 1.79 4.85 9.55
C LEU A 137 2.98 3.95 9.25
N TYR A 138 2.94 2.72 9.80
CA TYR A 138 4.04 1.75 9.63
C TYR A 138 3.50 0.33 9.34
N LYS B 4 1.80 -28.98 21.08
CA LYS B 4 1.07 -27.72 21.19
C LYS B 4 -0.09 -27.63 20.14
N ASP B 5 0.24 -27.66 18.81
CA ASP B 5 -0.72 -27.57 17.69
C ASP B 5 -0.93 -28.92 16.92
N HIS B 6 -0.34 -30.02 17.45
CA HIS B 6 -0.33 -31.40 16.90
C HIS B 6 -1.60 -32.25 17.20
N LEU B 7 -2.54 -31.70 18.00
CA LEU B 7 -3.74 -32.40 18.42
C LEU B 7 -5.03 -31.98 17.67
N LEU B 8 -5.02 -30.91 16.88
CA LEU B 8 -6.25 -30.46 16.20
C LEU B 8 -6.43 -31.09 14.82
N LYS B 9 -7.70 -31.17 14.31
CA LYS B 9 -8.02 -31.75 13.00
C LYS B 9 -7.33 -30.98 11.88
N TYR B 10 -7.35 -29.63 11.96
CA TYR B 10 -6.74 -28.75 10.96
C TYR B 10 -5.65 -27.87 11.55
N ASN B 11 -4.74 -27.47 10.68
CA ASN B 11 -3.62 -26.60 11.02
C ASN B 11 -3.48 -25.53 9.95
N VAL B 12 -2.74 -24.45 10.26
CA VAL B 12 -2.49 -23.35 9.32
C VAL B 12 -1.91 -23.95 8.02
N GLY B 13 -2.48 -23.55 6.88
CA GLY B 13 -2.08 -24.02 5.55
C GLY B 13 -2.92 -25.16 5.01
N ASP B 14 -3.72 -25.82 5.87
CA ASP B 14 -4.61 -26.90 5.40
C ASP B 14 -5.72 -26.35 4.52
N LEU B 15 -6.00 -27.08 3.46
CA LEU B 15 -7.01 -26.75 2.48
C LEU B 15 -8.34 -27.37 2.89
N VAL B 16 -9.39 -26.55 2.97
CA VAL B 16 -10.72 -27.03 3.36
C VAL B 16 -11.80 -26.43 2.47
N TRP B 17 -12.99 -27.02 2.46
CA TRP B 17 -14.19 -26.44 1.83
C TRP B 17 -14.96 -25.85 3.01
N SER B 18 -15.49 -24.63 2.89
CA SER B 18 -16.27 -23.96 3.97
C SER B 18 -17.69 -23.68 3.51
N LYS B 19 -18.67 -23.89 4.40
CA LYS B 19 -20.06 -23.61 4.07
C LYS B 19 -20.56 -22.44 4.85
N VAL B 20 -20.97 -21.38 4.14
CA VAL B 20 -21.56 -20.17 4.72
C VAL B 20 -22.95 -20.15 4.12
N SER B 21 -23.98 -20.02 4.98
CA SER B 21 -25.38 -19.97 4.58
C SER B 21 -25.60 -18.94 3.45
N GLY B 22 -26.18 -19.39 2.33
CA GLY B 22 -26.46 -18.56 1.16
C GLY B 22 -25.35 -18.56 0.11
N TYR B 23 -24.32 -19.41 0.32
CA TYR B 23 -23.16 -19.51 -0.59
C TYR B 23 -22.80 -20.95 -0.89
N PRO B 24 -22.18 -21.24 -2.06
CA PRO B 24 -21.78 -22.63 -2.31
C PRO B 24 -20.57 -23.02 -1.47
N TRP B 25 -20.33 -24.33 -1.26
CA TRP B 25 -19.15 -24.85 -0.56
C TRP B 25 -17.95 -24.20 -1.25
N TRP B 26 -17.10 -23.54 -0.49
CA TRP B 26 -16.06 -22.73 -1.11
C TRP B 26 -14.62 -23.20 -0.80
N PRO B 27 -13.74 -23.26 -1.84
CA PRO B 27 -12.33 -23.59 -1.59
C PRO B 27 -11.63 -22.56 -0.67
N CYS B 28 -11.04 -23.04 0.44
CA CYS B 28 -10.42 -22.23 1.50
C CYS B 28 -9.06 -22.76 1.97
N MET B 29 -8.30 -21.88 2.64
CA MET B 29 -7.08 -22.30 3.33
C MET B 29 -7.24 -21.88 4.80
N VAL B 30 -6.83 -22.73 5.74
CA VAL B 30 -6.86 -22.43 7.19
C VAL B 30 -5.70 -21.46 7.40
N SER B 31 -5.99 -20.35 8.06
CA SER B 31 -4.98 -19.33 8.27
C SER B 31 -5.18 -18.58 9.59
N ALA B 32 -4.14 -17.86 10.04
CA ALA B 32 -4.17 -17.08 11.26
C ALA B 32 -4.92 -15.75 10.98
N ASP B 33 -5.71 -15.27 11.97
CA ASP B 33 -6.41 -14.00 11.89
C ASP B 33 -5.32 -12.91 11.76
N PRO B 34 -5.35 -12.03 10.72
CA PRO B 34 -4.30 -10.98 10.57
C PRO B 34 -4.11 -10.05 11.76
N LEU B 35 -5.18 -9.84 12.55
CA LEU B 35 -5.16 -8.98 13.74
C LEU B 35 -5.06 -9.80 15.04
N LEU B 36 -5.85 -10.88 15.17
CA LEU B 36 -5.91 -11.62 16.45
C LEU B 36 -4.82 -12.69 16.56
N HIS B 37 -4.19 -13.07 15.42
CA HIS B 37 -3.05 -14.00 15.30
C HIS B 37 -3.34 -15.41 15.78
N SER B 38 -4.63 -15.79 15.89
CA SER B 38 -5.06 -17.15 16.28
C SER B 38 -5.67 -17.79 15.02
N TYR B 39 -5.60 -19.13 14.90
CA TYR B 39 -6.18 -19.80 13.73
C TYR B 39 -7.39 -20.70 14.12
N THR B 40 -7.56 -20.98 15.43
CA THR B 40 -8.64 -21.80 15.97
C THR B 40 -9.05 -21.23 17.32
N LYS B 41 -10.32 -21.44 17.68
CA LYS B 41 -10.88 -21.03 18.96
C LYS B 41 -12.13 -21.85 19.28
N LEU B 42 -12.59 -21.79 20.53
CA LEU B 42 -13.80 -22.43 21.01
C LEU B 42 -14.82 -21.35 21.26
N LYS B 43 -16.04 -21.54 20.74
CA LYS B 43 -17.16 -20.60 20.87
C LYS B 43 -18.31 -21.29 21.57
N SER B 48 -17.30 -24.54 23.76
CA SER B 48 -17.94 -25.83 23.54
C SER B 48 -17.82 -26.35 22.07
N ALA B 49 -17.78 -25.46 21.06
CA ALA B 49 -17.65 -25.81 19.62
C ALA B 49 -16.48 -25.08 18.93
N ARG B 50 -15.61 -25.86 18.27
CA ARG B 50 -14.40 -25.37 17.63
C ARG B 50 -14.67 -24.65 16.31
N GLN B 51 -13.96 -23.53 16.11
CA GLN B 51 -13.95 -22.75 14.91
C GLN B 51 -12.52 -22.62 14.43
N TYR B 52 -12.35 -22.41 13.13
CA TYR B 52 -11.07 -22.18 12.49
C TYR B 52 -11.20 -20.95 11.62
N HIS B 53 -10.11 -20.13 11.56
CA HIS B 53 -10.06 -18.96 10.73
C HIS B 53 -9.67 -19.46 9.36
N VAL B 54 -10.44 -19.06 8.33
CA VAL B 54 -10.15 -19.47 6.96
C VAL B 54 -10.12 -18.27 6.06
N GLN B 55 -9.41 -18.40 4.95
CA GLN B 55 -9.36 -17.44 3.88
C GLN B 55 -10.00 -18.12 2.67
N PHE B 56 -10.96 -17.41 2.02
CA PHE B 56 -11.71 -17.86 0.86
C PHE B 56 -10.88 -17.55 -0.37
N PHE B 57 -10.54 -18.61 -1.14
CA PHE B 57 -9.76 -18.46 -2.37
C PHE B 57 -10.56 -17.77 -3.47
N GLY B 58 -9.86 -16.98 -4.26
CA GLY B 58 -10.42 -16.25 -5.39
C GLY B 58 -9.70 -14.96 -5.68
N ASP B 59 -10.17 -14.26 -6.73
CA ASP B 59 -9.66 -12.96 -7.17
C ASP B 59 -10.07 -11.81 -6.21
N ALA B 60 -11.13 -11.98 -5.38
CA ALA B 60 -11.61 -11.00 -4.35
C ALA B 60 -11.58 -11.75 -2.99
N PRO B 61 -10.39 -11.94 -2.37
CA PRO B 61 -10.32 -12.72 -1.14
C PRO B 61 -11.04 -12.12 0.07
N GLU B 62 -11.59 -13.02 0.88
CA GLU B 62 -12.34 -12.74 2.09
C GLU B 62 -11.83 -13.73 3.14
N ARG B 63 -12.23 -13.51 4.39
CA ARG B 63 -11.87 -14.39 5.49
C ARG B 63 -13.01 -14.46 6.51
N ALA B 64 -13.01 -15.52 7.35
CA ALA B 64 -14.01 -15.74 8.39
C ALA B 64 -13.60 -16.79 9.41
N TRP B 65 -14.29 -16.82 10.53
CA TRP B 65 -14.20 -17.84 11.58
C TRP B 65 -15.37 -18.73 11.27
N ILE B 66 -15.07 -19.98 10.90
CA ILE B 66 -16.05 -20.99 10.50
C ILE B 66 -15.96 -22.19 11.47
N PHE B 67 -17.14 -22.70 11.89
CA PHE B 67 -17.28 -23.86 12.75
C PHE B 67 -16.77 -25.10 12.02
N GLU B 68 -16.11 -25.99 12.78
CA GLU B 68 -15.54 -27.25 12.29
C GLU B 68 -16.61 -28.06 11.54
N LYS B 69 -17.88 -28.06 12.05
CA LYS B 69 -19.04 -28.77 11.48
C LYS B 69 -19.31 -28.33 10.04
N SER B 70 -18.89 -27.10 9.68
CA SER B 70 -19.04 -26.49 8.35
C SER B 70 -17.73 -26.54 7.52
N LEU B 71 -16.77 -27.38 7.93
CA LEU B 71 -15.51 -27.58 7.21
C LEU B 71 -15.36 -29.04 6.80
N VAL B 72 -14.79 -29.26 5.60
CA VAL B 72 -14.50 -30.56 5.00
C VAL B 72 -13.12 -30.43 4.34
N ALA B 73 -12.21 -31.36 4.61
CA ALA B 73 -10.86 -31.39 4.05
C ALA B 73 -10.94 -31.36 2.51
N PHE B 74 -10.16 -30.48 1.91
CA PHE B 74 -10.15 -30.33 0.45
C PHE B 74 -9.19 -31.31 -0.22
N GLU B 75 -9.73 -32.12 -1.14
CA GLU B 75 -8.99 -33.09 -1.95
C GLU B 75 -8.95 -32.57 -3.41
N GLY B 76 -10.10 -32.11 -3.91
CA GLY B 76 -10.25 -31.52 -5.24
C GLY B 76 -11.67 -31.12 -5.56
N GLU B 77 -11.88 -30.50 -6.74
CA GLU B 77 -13.17 -30.05 -7.28
C GLU B 77 -14.24 -31.17 -7.36
N GLY B 78 -13.84 -32.41 -7.67
CA GLY B 78 -14.74 -33.55 -7.76
C GLY B 78 -15.61 -33.86 -6.55
N GLN B 79 -15.27 -33.28 -5.36
CA GLN B 79 -16.01 -33.48 -4.10
C GLN B 79 -17.27 -32.62 -4.02
N PHE B 80 -17.26 -31.46 -4.72
CA PHE B 80 -18.32 -30.45 -4.70
C PHE B 80 -19.73 -31.00 -4.91
N GLU B 81 -19.93 -31.88 -5.93
CA GLU B 81 -21.24 -32.47 -6.24
C GLU B 81 -21.84 -33.19 -5.04
N LYS B 82 -21.04 -34.06 -4.37
CA LYS B 82 -21.47 -34.82 -3.19
C LYS B 82 -21.75 -33.89 -2.02
N LEU B 83 -20.93 -32.84 -1.86
CA LEU B 83 -21.09 -31.85 -0.78
C LEU B 83 -22.45 -31.17 -0.88
N CYS B 84 -22.89 -30.77 -2.13
CA CYS B 84 -24.19 -30.14 -2.44
C CYS B 84 -25.34 -31.09 -2.14
N GLN B 85 -25.19 -32.34 -2.63
CA GLN B 85 -26.12 -33.44 -2.47
C GLN B 85 -26.35 -33.76 -0.98
N GLU B 86 -25.27 -33.79 -0.16
CA GLU B 86 -25.35 -34.07 1.27
C GLU B 86 -25.99 -32.91 2.02
N SER B 87 -25.67 -31.66 1.59
CA SER B 87 -26.20 -30.42 2.17
C SER B 87 -27.70 -30.30 1.92
N ALA B 88 -28.16 -30.60 0.70
CA ALA B 88 -29.58 -30.56 0.32
C ALA B 88 -30.41 -31.60 1.10
N LYS B 89 -29.84 -32.81 1.35
CA LYS B 89 -30.50 -33.87 2.10
C LYS B 89 -30.63 -33.52 3.58
N GLN B 90 -29.60 -32.87 4.17
CA GLN B 90 -29.59 -32.46 5.58
C GLN B 90 -30.53 -31.26 5.84
N ALA B 91 -30.78 -30.40 4.81
CA ALA B 91 -31.66 -29.23 4.89
C ALA B 91 -33.13 -29.64 5.03
N PRO B 92 -33.63 -29.57 6.28
CA PRO B 92 -35.05 -29.91 6.55
C PRO B 92 -36.05 -29.08 5.76
N THR B 93 -35.78 -27.76 5.59
CA THR B 93 -36.61 -26.81 4.85
C THR B 93 -36.61 -27.14 3.36
N LYS B 94 -37.81 -27.23 2.74
CA LYS B 94 -38.04 -27.55 1.31
C LYS B 94 -37.42 -26.51 0.37
N ALA B 95 -37.52 -25.21 0.75
CA ALA B 95 -36.98 -24.08 -0.03
C ALA B 95 -35.44 -24.09 -0.06
N GLU B 96 -34.80 -24.46 1.08
CA GLU B 96 -33.36 -24.55 1.26
C GLU B 96 -32.70 -25.56 0.32
N LYS B 97 -33.37 -26.74 0.11
CA LYS B 97 -32.91 -27.83 -0.76
C LYS B 97 -32.86 -27.41 -2.24
N ILE B 98 -33.95 -26.77 -2.76
CA ILE B 98 -34.04 -26.28 -4.14
C ILE B 98 -32.95 -25.24 -4.43
N LYS B 99 -32.64 -24.40 -3.43
CA LYS B 99 -31.61 -23.36 -3.49
C LYS B 99 -30.20 -23.99 -3.54
N LEU B 100 -29.93 -24.99 -2.67
CA LEU B 100 -28.64 -25.69 -2.55
C LEU B 100 -28.23 -26.45 -3.83
N LEU B 101 -29.20 -27.09 -4.53
CA LEU B 101 -28.94 -27.87 -5.75
C LEU B 101 -28.73 -26.97 -7.00
N LYS B 102 -29.24 -25.72 -6.99
CA LYS B 102 -29.13 -24.74 -8.08
C LYS B 102 -27.66 -24.32 -8.37
N PRO B 103 -27.21 -24.45 -9.66
CA PRO B 103 -25.80 -24.09 -10.00
C PRO B 103 -25.53 -22.59 -10.01
N ILE B 104 -24.33 -22.20 -9.51
CA ILE B 104 -23.83 -20.80 -9.41
C ILE B 104 -23.66 -20.16 -10.81
N SER B 105 -23.91 -18.83 -10.90
CA SER B 105 -23.82 -18.07 -12.15
C SER B 105 -23.12 -16.71 -11.97
N GLY B 106 -22.85 -16.02 -13.09
CA GLY B 106 -22.24 -14.70 -13.16
C GLY B 106 -20.91 -14.51 -12.46
N LYS B 107 -20.78 -13.38 -11.76
CA LYS B 107 -19.59 -12.99 -11.01
C LYS B 107 -19.17 -14.07 -9.99
N LEU B 108 -20.14 -14.61 -9.23
CA LEU B 108 -19.87 -15.61 -8.19
C LEU B 108 -19.31 -16.92 -8.78
N ARG B 109 -19.82 -17.37 -9.96
CA ARG B 109 -19.35 -18.56 -10.65
C ARG B 109 -17.89 -18.38 -11.05
N ALA B 110 -17.54 -17.20 -11.58
CA ALA B 110 -16.17 -16.85 -12.01
C ALA B 110 -15.19 -16.88 -10.84
N GLN B 111 -15.58 -16.25 -9.72
CA GLN B 111 -14.76 -16.17 -8.50
C GLN B 111 -14.62 -17.52 -7.82
N TRP B 112 -15.69 -18.35 -7.87
CA TRP B 112 -15.67 -19.72 -7.33
C TRP B 112 -14.66 -20.51 -8.16
N GLU B 113 -14.80 -20.44 -9.49
CA GLU B 113 -13.87 -21.06 -10.43
C GLU B 113 -12.41 -20.62 -10.15
N MET B 114 -12.19 -19.32 -9.95
CA MET B 114 -10.87 -18.75 -9.65
C MET B 114 -10.30 -19.36 -8.36
N GLY B 115 -11.14 -19.54 -7.35
CA GLY B 115 -10.78 -20.15 -6.08
C GLY B 115 -10.28 -21.59 -6.20
N ILE B 116 -11.04 -22.44 -6.92
CA ILE B 116 -10.75 -23.85 -7.26
C ILE B 116 -9.35 -23.93 -7.92
N VAL B 117 -9.11 -23.10 -8.96
CA VAL B 117 -7.84 -23.05 -9.70
C VAL B 117 -6.67 -22.75 -8.72
N GLN B 118 -6.88 -21.78 -7.81
CA GLN B 118 -5.92 -21.42 -6.76
C GLN B 118 -5.73 -22.57 -5.76
N ALA B 119 -6.85 -23.20 -5.31
CA ALA B 119 -6.82 -24.28 -4.32
C ALA B 119 -6.12 -25.51 -4.86
N GLU B 120 -6.36 -25.87 -6.12
CA GLU B 120 -5.72 -27.01 -6.79
C GLU B 120 -4.22 -26.79 -7.00
N GLU B 121 -3.80 -25.57 -7.26
CA GLU B 121 -2.40 -25.15 -7.38
C GLU B 121 -1.74 -25.26 -6.00
N ALA B 122 -2.45 -24.81 -4.96
CA ALA B 122 -2.01 -24.87 -3.58
C ALA B 122 -1.86 -26.33 -3.13
N ALA B 123 -2.82 -27.22 -3.52
CA ALA B 123 -2.80 -28.64 -3.20
C ALA B 123 -1.59 -29.37 -3.78
N SER B 124 -1.08 -28.94 -4.94
CA SER B 124 0.08 -29.56 -5.60
C SER B 124 1.42 -29.18 -4.94
N MET B 125 1.37 -28.39 -3.84
CA MET B 125 2.52 -27.86 -3.09
C MET B 125 2.65 -28.41 -1.70
N SER B 126 3.89 -28.38 -1.16
CA SER B 126 4.13 -28.74 0.26
C SER B 126 3.50 -27.60 1.08
N VAL B 127 2.94 -27.92 2.26
CA VAL B 127 2.27 -26.98 3.20
C VAL B 127 3.07 -25.68 3.39
N GLU B 128 4.41 -25.77 3.54
CA GLU B 128 5.26 -24.61 3.81
C GLU B 128 5.26 -23.62 2.67
N GLU B 129 5.45 -24.14 1.44
CA GLU B 129 5.48 -23.42 0.18
C GLU B 129 4.11 -22.81 -0.09
N ARG B 130 3.01 -23.57 0.14
CA ARG B 130 1.68 -23.03 -0.14
C ARG B 130 1.35 -21.90 0.87
N LYS B 131 1.85 -21.97 2.13
CA LYS B 131 1.64 -20.90 3.12
C LYS B 131 2.36 -19.64 2.61
N ALA B 132 3.61 -19.79 2.13
CA ALA B 132 4.41 -18.68 1.61
C ALA B 132 3.83 -18.08 0.32
N LYS B 133 3.16 -18.89 -0.53
CA LYS B 133 2.61 -18.36 -1.77
C LYS B 133 1.16 -17.87 -1.66
N PHE B 134 0.29 -18.63 -0.98
CA PHE B 134 -1.13 -18.34 -1.00
C PHE B 134 -1.67 -17.66 0.25
N THR B 135 -0.84 -17.27 1.23
CA THR B 135 -1.43 -16.56 2.36
C THR B 135 -1.64 -15.12 1.93
N PHE B 136 -2.93 -14.73 1.87
CA PHE B 136 -3.37 -13.39 1.49
C PHE B 136 -2.97 -12.38 2.57
N LEU B 137 -2.35 -11.28 2.16
CA LEU B 137 -1.91 -10.14 2.96
C LEU B 137 -3.13 -9.26 3.32
N TYR B 138 -3.18 -8.82 4.59
CA TYR B 138 -4.27 -7.98 5.11
C TYR B 138 -3.73 -6.82 5.96
N LEU C 7 -15.67 16.80 29.27
CA LEU C 7 -17.11 16.89 29.53
C LEU C 7 -17.96 16.09 28.50
N LEU C 8 -17.31 15.42 27.53
CA LEU C 8 -18.02 14.62 26.51
C LEU C 8 -18.27 13.20 27.01
N LYS C 9 -19.35 12.56 26.51
CA LYS C 9 -19.71 11.19 26.94
C LYS C 9 -18.68 10.15 26.44
N TYR C 10 -18.12 10.36 25.25
CA TYR C 10 -17.14 9.43 24.68
C TYR C 10 -15.87 10.11 24.30
N ASN C 11 -14.81 9.31 24.22
CA ASN C 11 -13.48 9.76 23.83
C ASN C 11 -12.86 8.76 22.86
N VAL C 12 -11.81 9.18 22.12
CA VAL C 12 -11.08 8.33 21.17
C VAL C 12 -10.66 7.04 21.92
N GLY C 13 -10.95 5.90 21.31
CA GLY C 13 -10.63 4.58 21.84
C GLY C 13 -11.76 3.90 22.57
N ASP C 14 -12.83 4.66 22.94
CA ASP C 14 -13.99 4.07 23.61
C ASP C 14 -14.74 3.15 22.68
N LEU C 15 -15.14 2.01 23.21
CA LEU C 15 -15.87 0.98 22.51
C LEU C 15 -17.37 1.23 22.65
N VAL C 16 -18.07 1.32 21.52
CA VAL C 16 -19.51 1.59 21.51
C VAL C 16 -20.26 0.64 20.56
N TRP C 17 -21.57 0.52 20.71
CA TRP C 17 -22.45 -0.16 19.76
C TRP C 17 -23.07 1.00 18.95
N SER C 18 -23.14 0.88 17.62
CA SER C 18 -23.73 1.92 16.75
C SER C 18 -24.94 1.38 16.00
N LYS C 19 -26.01 2.18 15.90
CA LYS C 19 -27.18 1.76 15.15
C LYS C 19 -27.33 2.58 13.88
N VAL C 20 -27.28 1.91 12.74
CA VAL C 20 -27.47 2.47 11.41
C VAL C 20 -28.72 1.76 10.88
N SER C 21 -29.71 2.53 10.42
CA SER C 21 -30.96 2.01 9.88
C SER C 21 -30.70 0.92 8.82
N GLY C 22 -31.30 -0.24 9.03
CA GLY C 22 -31.17 -1.40 8.14
C GLY C 22 -30.05 -2.35 8.49
N TYR C 23 -29.39 -2.11 9.64
CA TYR C 23 -28.26 -2.91 10.13
C TYR C 23 -28.39 -3.25 11.58
N PRO C 24 -27.84 -4.39 12.05
CA PRO C 24 -27.92 -4.69 13.50
C PRO C 24 -26.97 -3.78 14.28
N TRP C 25 -27.22 -3.60 15.58
CA TRP C 25 -26.35 -2.84 16.49
C TRP C 25 -24.95 -3.41 16.29
N TRP C 26 -23.98 -2.56 15.96
CA TRP C 26 -22.68 -3.07 15.58
C TRP C 26 -21.53 -2.67 16.51
N PRO C 27 -20.63 -3.63 16.84
CA PRO C 27 -19.45 -3.31 17.66
C PRO C 27 -18.52 -2.31 16.97
N CYS C 28 -18.29 -1.16 17.65
CA CYS C 28 -17.48 -0.04 17.14
C CYS C 28 -16.47 0.47 18.15
N MET C 29 -15.60 1.37 17.68
CA MET C 29 -14.62 2.10 18.46
C MET C 29 -14.68 3.54 17.99
N VAL C 30 -14.62 4.51 18.93
CA VAL C 30 -14.64 5.95 18.66
C VAL C 30 -13.22 6.28 18.19
N SER C 31 -13.13 6.94 17.02
CA SER C 31 -11.86 7.30 16.43
C SER C 31 -11.93 8.66 15.79
N ALA C 32 -10.74 9.21 15.47
CA ALA C 32 -10.59 10.47 14.74
C ALA C 32 -10.79 10.20 13.26
N ASP C 33 -11.49 11.13 12.58
CA ASP C 33 -11.70 11.07 11.14
C ASP C 33 -10.33 11.14 10.43
N PRO C 34 -9.99 10.19 9.53
CA PRO C 34 -8.65 10.21 8.88
C PRO C 34 -8.29 11.48 8.13
N LEU C 35 -9.31 12.21 7.63
CA LEU C 35 -9.14 13.43 6.89
C LEU C 35 -9.42 14.68 7.74
N LEU C 36 -10.53 14.69 8.51
CA LEU C 36 -10.91 15.91 9.25
C LEU C 36 -10.22 16.01 10.61
N HIS C 37 -9.64 14.89 11.13
CA HIS C 37 -8.84 14.77 12.37
C HIS C 37 -9.63 15.11 13.64
N SER C 38 -10.97 15.11 13.56
CA SER C 38 -11.87 15.36 14.70
C SER C 38 -12.57 14.03 15.00
N TYR C 39 -13.02 13.82 16.26
CA TYR C 39 -13.69 12.59 16.65
C TYR C 39 -15.16 12.85 17.05
N THR C 40 -15.52 14.11 17.27
CA THR C 40 -16.87 14.53 17.66
C THR C 40 -17.18 15.89 17.01
N LYS C 41 -18.45 16.16 16.72
CA LYS C 41 -18.92 17.42 16.13
C LYS C 41 -20.41 17.59 16.42
N LEU C 42 -20.92 18.80 16.16
CA LEU C 42 -22.33 19.15 16.32
C LEU C 42 -22.88 19.35 14.91
N LYS C 43 -23.92 18.56 14.52
CA LYS C 43 -24.51 18.64 13.19
C LYS C 43 -25.65 19.66 13.21
N SER C 48 -26.57 21.42 17.27
CA SER C 48 -27.54 21.19 18.35
C SER C 48 -27.56 19.71 18.82
N ALA C 49 -27.11 18.76 17.94
CA ALA C 49 -27.08 17.31 18.22
C ALA C 49 -25.71 16.67 17.87
N ARG C 50 -24.98 16.22 18.92
CA ARG C 50 -23.63 15.67 18.89
C ARG C 50 -23.52 14.34 18.16
N GLN C 51 -22.45 14.24 17.36
CA GLN C 51 -22.06 13.08 16.61
C GLN C 51 -20.65 12.71 16.99
N TYR C 52 -20.31 11.42 16.83
CA TYR C 52 -18.99 10.88 17.05
C TYR C 52 -18.60 10.10 15.82
N HIS C 53 -17.32 10.17 15.44
CA HIS C 53 -16.80 9.39 14.32
C HIS C 53 -16.46 8.03 14.91
N VAL C 54 -16.95 6.95 14.29
CA VAL C 54 -16.70 5.58 14.75
C VAL C 54 -16.18 4.73 13.62
N GLN C 55 -15.53 3.64 14.01
CA GLN C 55 -15.06 2.60 13.10
C GLN C 55 -15.81 1.34 13.41
N PHE C 56 -16.35 0.68 12.39
CA PHE C 56 -17.11 -0.57 12.52
C PHE C 56 -16.13 -1.71 12.52
N PHE C 57 -16.11 -2.52 13.62
CA PHE C 57 -15.22 -3.66 13.74
C PHE C 57 -15.66 -4.79 12.79
N GLY C 58 -14.66 -5.49 12.28
CA GLY C 58 -14.84 -6.62 11.37
C GLY C 58 -13.69 -6.78 10.41
N ASP C 59 -13.82 -7.82 9.56
CA ASP C 59 -12.85 -8.18 8.53
C ASP C 59 -12.92 -7.20 7.31
N ALA C 60 -14.05 -6.46 7.11
CA ALA C 60 -14.27 -5.43 6.06
C ALA C 60 -14.60 -4.11 6.77
N PRO C 61 -13.59 -3.42 7.39
CA PRO C 61 -13.91 -2.22 8.16
C PRO C 61 -14.47 -1.04 7.36
N GLU C 62 -15.35 -0.31 8.03
CA GLU C 62 -16.06 0.86 7.55
C GLU C 62 -16.00 1.90 8.67
N ARG C 63 -16.40 3.14 8.35
CA ARG C 63 -16.42 4.21 9.33
C ARG C 63 -17.60 5.13 9.03
N ALA C 64 -18.03 5.92 10.04
CA ALA C 64 -19.13 6.88 9.90
C ALA C 64 -19.21 7.88 11.06
N TRP C 65 -19.95 8.99 10.83
CA TRP C 65 -20.31 10.00 11.83
C TRP C 65 -21.72 9.57 12.30
N ILE C 66 -21.80 9.08 13.55
CA ILE C 66 -23.04 8.60 14.18
C ILE C 66 -23.45 9.50 15.32
N PHE C 67 -24.76 9.81 15.40
CA PHE C 67 -25.35 10.59 16.48
C PHE C 67 -25.22 9.87 17.81
N GLU C 68 -24.98 10.63 18.89
CA GLU C 68 -24.87 10.15 20.28
C GLU C 68 -26.08 9.30 20.67
N LYS C 69 -27.30 9.69 20.21
CA LYS C 69 -28.59 9.00 20.47
C LYS C 69 -28.57 7.56 19.93
N SER C 70 -27.72 7.29 18.91
CA SER C 70 -27.55 5.99 18.26
C SER C 70 -26.28 5.25 18.76
N LEU C 71 -25.71 5.69 19.91
CA LEU C 71 -24.54 5.05 20.51
C LEU C 71 -24.87 4.57 21.91
N VAL C 72 -24.31 3.42 22.28
CA VAL C 72 -24.42 2.78 23.59
C VAL C 72 -23.02 2.24 23.92
N ALA C 73 -22.51 2.52 25.12
CA ALA C 73 -21.21 2.06 25.58
C ALA C 73 -21.13 0.53 25.48
N PHE C 74 -20.06 0.01 24.90
CA PHE C 74 -19.88 -1.42 24.73
C PHE C 74 -19.25 -2.06 25.98
N GLU C 75 -19.95 -3.05 26.55
CA GLU C 75 -19.49 -3.85 27.69
C GLU C 75 -19.15 -5.27 27.19
N GLY C 76 -20.03 -5.82 26.34
CA GLY C 76 -19.88 -7.14 25.74
C GLY C 76 -21.08 -7.56 24.92
N GLU C 77 -20.98 -8.74 24.28
CA GLU C 77 -22.00 -9.33 23.41
C GLU C 77 -23.36 -9.53 24.08
N GLY C 78 -23.37 -9.84 25.38
CA GLY C 78 -24.58 -10.05 26.16
C GLY C 78 -25.62 -8.94 26.14
N GLN C 79 -25.22 -7.71 25.69
CA GLN C 79 -26.06 -6.50 25.63
C GLN C 79 -26.97 -6.51 24.41
N PHE C 80 -26.49 -7.14 23.31
CA PHE C 80 -27.14 -7.16 22.00
C PHE C 80 -28.63 -7.51 22.02
N GLU C 81 -29.03 -8.58 22.74
CA GLU C 81 -30.43 -9.01 22.83
C GLU C 81 -31.34 -7.89 23.33
N LYS C 82 -30.96 -7.22 24.44
CA LYS C 82 -31.73 -6.11 25.02
C LYS C 82 -31.74 -4.90 24.07
N LEU C 83 -30.63 -4.65 23.36
CA LEU C 83 -30.53 -3.55 22.40
C LEU C 83 -31.56 -3.72 21.27
N CYS C 84 -31.74 -4.96 20.75
CA CYS C 84 -32.70 -5.34 19.71
C CYS C 84 -34.12 -5.15 20.19
N GLN C 85 -34.43 -5.69 21.39
CA GLN C 85 -35.74 -5.66 22.02
C GLN C 85 -36.15 -4.22 22.35
N GLU C 86 -35.19 -3.35 22.75
CA GLU C 86 -35.49 -1.94 23.06
C GLU C 86 -35.71 -1.14 21.78
N SER C 87 -34.91 -1.41 20.72
CA SER C 87 -35.01 -0.76 19.40
C SER C 87 -36.32 -1.14 18.71
N ALA C 88 -36.75 -2.41 18.86
CA ALA C 88 -37.99 -2.94 18.31
C ALA C 88 -39.21 -2.27 18.96
N LYS C 89 -39.20 -2.10 20.30
CA LYS C 89 -40.28 -1.46 21.06
C LYS C 89 -40.41 0.03 20.69
N GLN C 90 -39.27 0.72 20.42
CA GLN C 90 -39.21 2.12 20.04
C GLN C 90 -39.69 2.33 18.60
N THR C 93 -43.40 1.89 13.28
CA THR C 93 -43.67 1.07 12.11
C THR C 93 -43.66 -0.42 12.47
N LYS C 94 -44.75 -1.14 12.15
CA LYS C 94 -44.94 -2.57 12.41
C LYS C 94 -43.92 -3.45 11.64
N ALA C 95 -43.59 -3.06 10.39
CA ALA C 95 -42.63 -3.75 9.53
C ALA C 95 -41.19 -3.68 10.06
N GLU C 96 -40.82 -2.50 10.61
CA GLU C 96 -39.51 -2.18 11.18
C GLU C 96 -39.17 -3.10 12.38
N LYS C 97 -40.18 -3.37 13.25
CA LYS C 97 -40.06 -4.21 14.45
C LYS C 97 -39.75 -5.67 14.10
N ILE C 98 -40.49 -6.26 13.14
CA ILE C 98 -40.31 -7.66 12.69
C ILE C 98 -38.91 -7.86 12.10
N LYS C 99 -38.40 -6.83 11.38
CA LYS C 99 -37.08 -6.81 10.77
C LYS C 99 -35.97 -6.73 11.83
N LEU C 100 -36.13 -5.83 12.84
CA LEU C 100 -35.19 -5.61 13.95
C LEU C 100 -34.97 -6.84 14.83
N LEU C 101 -36.03 -7.62 15.12
CA LEU C 101 -35.96 -8.82 15.98
C LEU C 101 -35.34 -10.04 15.27
N LYS C 102 -35.40 -10.07 13.91
CA LYS C 102 -34.89 -11.18 13.08
C LYS C 102 -33.34 -11.34 13.20
N PRO C 103 -32.84 -12.57 13.49
CA PRO C 103 -31.37 -12.76 13.61
C PRO C 103 -30.65 -12.75 12.25
N ILE C 104 -29.47 -12.09 12.20
CA ILE C 104 -28.61 -11.89 11.02
C ILE C 104 -28.09 -13.24 10.47
N SER C 105 -27.88 -13.29 9.13
CA SER C 105 -27.41 -14.51 8.44
C SER C 105 -26.33 -14.20 7.38
N GLY C 106 -25.71 -15.26 6.84
CA GLY C 106 -24.69 -15.22 5.79
C GLY C 106 -23.46 -14.38 6.06
N LYS C 107 -23.04 -13.60 5.03
CA LYS C 107 -21.86 -12.73 5.07
C LYS C 107 -21.93 -11.75 6.25
N LEU C 108 -23.08 -11.08 6.46
CA LEU C 108 -23.26 -10.09 7.51
C LEU C 108 -23.12 -10.70 8.91
N ARG C 109 -23.65 -11.92 9.14
CA ARG C 109 -23.54 -12.62 10.43
C ARG C 109 -22.06 -12.91 10.73
N ALA C 110 -21.29 -13.37 9.73
CA ALA C 110 -19.86 -13.67 9.85
C ALA C 110 -19.05 -12.44 10.22
N GLN C 111 -19.31 -11.31 9.53
CA GLN C 111 -18.63 -10.03 9.75
C GLN C 111 -19.02 -9.41 11.08
N TRP C 112 -20.29 -9.57 11.50
CA TRP C 112 -20.78 -9.10 12.80
C TRP C 112 -20.04 -9.88 13.86
N GLU C 113 -20.01 -11.21 13.74
CA GLU C 113 -19.27 -12.10 14.62
C GLU C 113 -17.79 -11.70 14.69
N MET C 114 -17.15 -11.43 13.55
CA MET C 114 -15.76 -11.02 13.50
C MET C 114 -15.53 -9.71 14.31
N GLY C 115 -16.49 -8.77 14.19
CA GLY C 115 -16.44 -7.51 14.90
C GLY C 115 -16.45 -7.66 16.40
N ILE C 116 -17.41 -8.47 16.92
CA ILE C 116 -17.59 -8.82 18.34
C ILE C 116 -16.29 -9.41 18.93
N VAL C 117 -15.66 -10.35 18.22
CA VAL C 117 -14.40 -11.01 18.59
C VAL C 117 -13.26 -9.93 18.73
N GLN C 118 -13.20 -9.01 17.78
CA GLN C 118 -12.25 -7.90 17.77
C GLN C 118 -12.56 -6.92 18.90
N ALA C 119 -13.84 -6.58 19.12
CA ALA C 119 -14.27 -5.65 20.16
C ALA C 119 -14.00 -6.19 21.55
N GLU C 120 -14.23 -7.48 21.77
CA GLU C 120 -13.98 -8.15 23.06
C GLU C 120 -12.47 -8.26 23.33
N GLU C 121 -11.66 -8.45 22.29
CA GLU C 121 -10.21 -8.49 22.42
C GLU C 121 -9.68 -7.05 22.74
N ALA C 122 -10.31 -6.02 22.16
CA ALA C 122 -10.01 -4.61 22.39
C ALA C 122 -10.40 -4.21 23.82
N ALA C 123 -11.56 -4.72 24.31
CA ALA C 123 -12.06 -4.46 25.65
C ALA C 123 -11.12 -4.96 26.74
N SER C 124 -10.42 -6.08 26.49
CA SER C 124 -9.48 -6.68 27.46
C SER C 124 -8.15 -5.88 27.59
N MET C 125 -8.02 -4.77 26.83
CA MET C 125 -6.82 -3.91 26.73
C MET C 125 -7.01 -2.53 27.33
N SER C 126 -5.88 -1.90 27.73
CA SER C 126 -5.86 -0.51 28.17
C SER C 126 -6.14 0.35 26.92
N VAL C 127 -6.88 1.47 27.06
CA VAL C 127 -7.25 2.39 25.96
C VAL C 127 -6.09 2.71 25.00
N GLU C 128 -4.88 2.95 25.53
CA GLU C 128 -3.71 3.32 24.73
C GLU C 128 -3.29 2.23 23.78
N GLU C 129 -3.19 1.00 24.31
CA GLU C 129 -2.84 -0.24 23.61
C GLU C 129 -3.90 -0.58 22.58
N ARG C 130 -5.20 -0.47 22.93
CA ARG C 130 -6.24 -0.79 21.96
C ARG C 130 -6.26 0.25 20.81
N LYS C 131 -5.93 1.54 21.08
CA LYS C 131 -5.83 2.55 20.02
C LYS C 131 -4.66 2.13 19.07
N ALA C 132 -3.51 1.72 19.64
CA ALA C 132 -2.34 1.32 18.86
C ALA C 132 -2.56 0.01 18.07
N LYS C 133 -3.41 -0.91 18.58
CA LYS C 133 -3.65 -2.16 17.88
C LYS C 133 -4.85 -2.13 16.93
N PHE C 134 -5.97 -1.53 17.35
CA PHE C 134 -7.20 -1.64 16.60
C PHE C 134 -7.58 -0.41 15.79
N THR C 135 -6.75 0.63 15.72
CA THR C 135 -7.14 1.77 14.87
C THR C 135 -6.83 1.40 13.43
N PHE C 136 -7.89 1.24 12.62
CA PHE C 136 -7.80 0.87 11.21
C PHE C 136 -7.19 2.03 10.42
N LEU C 137 -6.18 1.72 9.58
CA LEU C 137 -5.43 2.65 8.74
C LEU C 137 -6.26 3.01 7.50
N TYR C 138 -6.24 4.33 7.14
CA TYR C 138 -6.98 4.89 6.01
C TYR C 138 -6.13 5.89 5.24
N ASP D 5 -6.55 26.21 -19.56
CA ASP D 5 -7.44 25.81 -18.46
C ASP D 5 -8.36 26.96 -18.04
N HIS D 6 -7.85 28.22 -18.05
CA HIS D 6 -8.57 29.46 -17.69
C HIS D 6 -9.80 29.74 -18.61
N LEU D 7 -10.02 28.89 -19.65
CA LEU D 7 -11.11 29.03 -20.59
C LEU D 7 -12.30 28.08 -20.33
N LEU D 8 -12.15 27.07 -19.49
CA LEU D 8 -13.25 26.11 -19.24
C LEU D 8 -14.10 26.53 -18.05
N LYS D 9 -15.37 26.05 -17.96
CA LYS D 9 -16.26 26.38 -16.84
C LYS D 9 -15.67 25.90 -15.52
N TYR D 10 -15.10 24.67 -15.49
CA TYR D 10 -14.49 24.05 -14.29
C TYR D 10 -13.04 23.71 -14.48
N ASN D 11 -12.33 23.64 -13.37
CA ASN D 11 -10.91 23.31 -13.33
C ASN D 11 -10.62 22.33 -12.19
N VAL D 12 -9.45 21.64 -12.22
CA VAL D 12 -9.04 20.71 -11.18
C VAL D 12 -9.15 21.42 -9.82
N GLY D 13 -9.80 20.75 -8.87
CA GLY D 13 -10.02 21.28 -7.53
C GLY D 13 -11.36 21.94 -7.31
N ASP D 14 -12.09 22.28 -8.39
CA ASP D 14 -13.42 22.88 -8.25
C ASP D 14 -14.41 21.87 -7.68
N LEU D 15 -15.25 22.36 -6.78
CA LEU D 15 -16.26 21.61 -6.11
C LEU D 15 -17.57 21.67 -6.91
N VAL D 16 -18.13 20.51 -7.22
CA VAL D 16 -19.38 20.42 -7.98
C VAL D 16 -20.30 19.35 -7.39
N TRP D 17 -21.61 19.41 -7.72
CA TRP D 17 -22.58 18.38 -7.40
C TRP D 17 -22.70 17.60 -8.72
N SER D 18 -22.69 16.24 -8.66
CA SER D 18 -22.82 15.37 -9.86
C SER D 18 -24.08 14.51 -9.78
N LYS D 19 -24.79 14.36 -10.91
CA LYS D 19 -25.98 13.54 -10.92
C LYS D 19 -25.74 12.32 -11.76
N VAL D 20 -25.84 11.16 -11.11
CA VAL D 20 -25.74 9.84 -11.75
C VAL D 20 -27.12 9.22 -11.54
N SER D 21 -27.74 8.74 -12.62
CA SER D 21 -29.07 8.12 -12.58
C SER D 21 -29.14 7.04 -11.52
N GLY D 22 -30.11 7.15 -10.63
CA GLY D 22 -30.29 6.19 -9.53
C GLY D 22 -29.61 6.55 -8.23
N TYR D 23 -29.00 7.77 -8.19
CA TYR D 23 -28.28 8.27 -7.03
C TYR D 23 -28.64 9.70 -6.73
N PRO D 24 -28.51 10.16 -5.45
CA PRO D 24 -28.80 11.58 -5.19
C PRO D 24 -27.67 12.47 -5.69
N TRP D 25 -27.94 13.79 -5.93
CA TRP D 25 -26.93 14.77 -6.32
C TRP D 25 -25.80 14.62 -5.29
N TRP D 26 -24.57 14.42 -5.76
CA TRP D 26 -23.50 14.06 -4.85
C TRP D 26 -22.37 15.08 -4.79
N PRO D 27 -21.91 15.45 -3.56
CA PRO D 27 -20.74 16.35 -3.42
C PRO D 27 -19.46 15.74 -4.05
N CYS D 28 -18.87 16.43 -5.04
CA CYS D 28 -17.66 16.02 -5.80
C CYS D 28 -16.60 17.12 -5.92
N MET D 29 -15.39 16.71 -6.38
CA MET D 29 -14.30 17.60 -6.71
C MET D 29 -13.78 17.23 -8.11
N VAL D 30 -13.61 18.21 -8.98
CA VAL D 30 -13.08 17.98 -10.33
C VAL D 30 -11.62 17.57 -10.15
N SER D 31 -11.22 16.49 -10.84
CA SER D 31 -9.87 15.96 -10.71
C SER D 31 -9.37 15.29 -11.98
N ALA D 32 -8.04 15.09 -12.03
CA ALA D 32 -7.36 14.44 -13.13
C ALA D 32 -7.64 12.95 -13.03
N ASP D 33 -7.84 12.29 -14.20
CA ASP D 33 -8.01 10.86 -14.24
C ASP D 33 -6.68 10.26 -13.74
N PRO D 34 -6.68 9.36 -12.71
CA PRO D 34 -5.40 8.80 -12.22
C PRO D 34 -4.55 8.09 -13.27
N LEU D 35 -5.19 7.53 -14.32
CA LEU D 35 -4.52 6.82 -15.41
C LEU D 35 -4.38 7.64 -16.67
N LEU D 36 -5.45 8.33 -17.09
CA LEU D 36 -5.45 9.08 -18.36
C LEU D 36 -4.87 10.48 -18.23
N HIS D 37 -4.75 11.02 -17.00
CA HIS D 37 -4.13 12.32 -16.64
C HIS D 37 -4.81 13.52 -17.27
N SER D 38 -6.05 13.38 -17.75
CA SER D 38 -6.87 14.49 -18.28
C SER D 38 -8.01 14.75 -17.25
N TYR D 39 -8.56 15.97 -17.20
CA TYR D 39 -9.64 16.28 -16.26
C TYR D 39 -10.95 16.65 -16.99
N THR D 40 -10.86 16.91 -18.28
CA THR D 40 -11.98 17.26 -19.14
C THR D 40 -11.74 16.65 -20.52
N LYS D 41 -12.83 16.33 -21.23
CA LYS D 41 -12.78 15.82 -22.60
C LYS D 41 -14.10 16.10 -23.31
N LEU D 42 -14.09 15.98 -24.65
CA LEU D 42 -15.27 16.10 -25.48
C LEU D 42 -15.66 14.71 -25.96
N LYS D 43 -16.97 14.39 -25.83
CA LYS D 43 -17.58 13.12 -26.20
C LYS D 43 -18.73 13.44 -27.12
CA LYS D 47 -16.28 16.19 -30.24
C LYS D 47 -17.55 17.03 -30.29
N SER D 48 -18.43 16.95 -29.24
CA SER D 48 -19.67 17.75 -29.23
C SER D 48 -20.18 18.10 -27.79
N ALA D 49 -19.91 17.23 -26.80
CA ALA D 49 -20.34 17.45 -25.40
C ALA D 49 -19.18 17.27 -24.41
N ARG D 50 -19.02 18.28 -23.54
CA ARG D 50 -17.96 18.30 -22.56
C ARG D 50 -18.28 17.48 -21.32
N GLN D 51 -17.27 16.71 -20.87
CA GLN D 51 -17.30 15.92 -19.67
C GLN D 51 -16.12 16.34 -18.81
N TYR D 52 -16.26 16.13 -17.50
CA TYR D 52 -15.24 16.40 -16.53
C TYR D 52 -15.10 15.16 -15.67
N HIS D 53 -13.86 14.83 -15.28
CA HIS D 53 -13.59 13.71 -14.40
C HIS D 53 -13.76 14.24 -13.00
N VAL D 54 -14.60 13.56 -12.19
CA VAL D 54 -14.88 13.98 -10.81
C VAL D 54 -14.59 12.85 -9.86
N GLN D 55 -14.32 13.20 -8.61
CA GLN D 55 -14.17 12.24 -7.53
C GLN D 55 -15.33 12.51 -6.57
N PHE D 56 -16.06 11.45 -6.19
CA PHE D 56 -17.20 11.51 -5.27
C PHE D 56 -16.68 11.51 -3.87
N PHE D 57 -17.03 12.56 -3.10
CA PHE D 57 -16.61 12.67 -1.69
C PHE D 57 -17.32 11.65 -0.80
N GLY D 58 -16.59 11.14 0.19
CA GLY D 58 -17.08 10.20 1.18
C GLY D 58 -15.99 9.31 1.75
N ASP D 59 -16.42 8.41 2.66
CA ASP D 59 -15.58 7.41 3.30
C ASP D 59 -15.20 6.24 2.32
N ALA D 60 -15.97 6.03 1.22
CA ALA D 60 -15.72 5.02 0.17
C ALA D 60 -15.65 5.80 -1.18
N PRO D 61 -14.53 6.49 -1.48
CA PRO D 61 -14.45 7.29 -2.69
C PRO D 61 -14.54 6.52 -4.01
N GLU D 62 -15.23 7.16 -4.98
CA GLU D 62 -15.45 6.67 -6.34
C GLU D 62 -15.16 7.81 -7.33
N ARG D 63 -15.02 7.49 -8.62
CA ARG D 63 -14.74 8.48 -9.66
C ARG D 63 -15.45 8.16 -10.96
N ALA D 64 -15.67 9.23 -11.77
CA ALA D 64 -16.35 9.09 -13.06
C ALA D 64 -16.14 10.29 -13.96
N TRP D 65 -16.43 10.07 -15.24
CA TRP D 65 -16.47 11.09 -16.27
C TRP D 65 -17.94 11.43 -16.38
N ILE D 66 -18.29 12.66 -15.97
CA ILE D 66 -19.67 13.18 -15.93
C ILE D 66 -19.80 14.37 -16.90
N PHE D 67 -20.91 14.38 -17.66
CA PHE D 67 -21.25 15.44 -18.58
C PHE D 67 -21.51 16.73 -17.83
N GLU D 68 -21.10 17.87 -18.42
CA GLU D 68 -21.27 19.22 -17.88
C GLU D 68 -22.75 19.49 -17.51
N LYS D 69 -23.70 18.98 -18.34
CA LYS D 69 -25.16 19.10 -18.14
C LYS D 69 -25.61 18.51 -16.81
N SER D 70 -24.84 17.53 -16.27
CA SER D 70 -25.08 16.84 -15.00
C SER D 70 -24.19 17.38 -13.84
N LEU D 71 -23.57 18.55 -14.03
CA LEU D 71 -22.75 19.21 -13.02
C LEU D 71 -23.33 20.58 -12.67
N VAL D 72 -23.24 20.92 -11.37
CA VAL D 72 -23.67 22.20 -10.80
C VAL D 72 -22.59 22.59 -9.80
N ALA D 73 -22.09 23.84 -9.87
CA ALA D 73 -21.08 24.36 -8.97
C ALA D 73 -21.56 24.22 -7.51
N PHE D 74 -20.69 23.66 -6.65
CA PHE D 74 -21.00 23.45 -5.24
C PHE D 74 -20.74 24.71 -4.42
N GLU D 75 -21.78 25.16 -3.70
CA GLU D 75 -21.73 26.30 -2.79
C GLU D 75 -21.86 25.77 -1.35
N GLY D 76 -22.83 24.87 -1.15
CA GLY D 76 -23.09 24.20 0.12
C GLY D 76 -24.27 23.26 0.09
N GLU D 77 -24.53 22.55 1.21
CA GLU D 77 -25.62 21.59 1.40
C GLU D 77 -27.03 22.18 1.11
N GLY D 78 -27.24 23.45 1.44
CA GLY D 78 -28.51 24.16 1.23
C GLY D 78 -29.08 24.14 -0.17
N GLN D 79 -28.24 23.80 -1.20
CA GLN D 79 -28.62 23.75 -2.62
C GLN D 79 -29.37 22.46 -2.97
N PHE D 80 -29.06 21.35 -2.25
CA PHE D 80 -29.57 20.00 -2.48
C PHE D 80 -31.09 19.93 -2.66
N GLU D 81 -31.89 20.60 -1.79
CA GLU D 81 -33.36 20.57 -1.87
C GLU D 81 -33.85 21.07 -3.21
N LYS D 82 -33.32 22.22 -3.69
CA LYS D 82 -33.70 22.80 -4.98
C LYS D 82 -33.25 21.91 -6.14
N LEU D 83 -32.07 21.28 -6.01
CA LEU D 83 -31.53 20.38 -7.04
C LEU D 83 -32.46 19.18 -7.25
N CYS D 84 -33.02 18.59 -6.15
CA CYS D 84 -33.98 17.47 -6.15
C CYS D 84 -35.30 17.88 -6.79
N GLN D 85 -35.85 19.02 -6.35
CA GLN D 85 -37.11 19.59 -6.83
C GLN D 85 -37.04 19.95 -8.32
N GLU D 86 -35.88 20.45 -8.80
CA GLU D 86 -35.70 20.80 -10.21
C GLU D 86 -35.52 19.56 -11.06
N SER D 87 -34.76 18.54 -10.55
CA SER D 87 -34.51 17.26 -11.23
C SER D 87 -35.80 16.46 -11.35
N ALA D 88 -36.67 16.52 -10.30
CA ALA D 88 -37.95 15.84 -10.24
C ALA D 88 -38.90 16.41 -11.30
N LYS D 89 -38.98 17.75 -11.41
CA LYS D 89 -39.83 18.46 -12.38
C LYS D 89 -39.39 18.18 -13.83
N GLN D 90 -38.07 18.06 -14.06
CA GLN D 90 -37.49 17.77 -15.37
C GLN D 90 -37.71 16.30 -15.78
N ALA D 91 -37.85 15.36 -14.80
CA ALA D 91 -38.09 13.93 -15.04
C ALA D 91 -39.49 13.66 -15.62
N THR D 93 -40.75 10.81 -16.76
CA THR D 93 -41.23 9.56 -16.18
C THR D 93 -41.80 9.79 -14.78
N LYS D 94 -43.05 9.30 -14.53
CA LYS D 94 -43.78 9.42 -13.26
C LYS D 94 -43.06 8.71 -12.10
N ALA D 95 -42.47 7.52 -12.38
CA ALA D 95 -41.74 6.70 -11.41
C ALA D 95 -40.45 7.37 -10.96
N GLU D 96 -39.73 8.03 -11.90
CA GLU D 96 -38.47 8.75 -11.69
C GLU D 96 -38.62 9.90 -10.68
N LYS D 97 -39.74 10.66 -10.76
CA LYS D 97 -40.06 11.79 -9.88
C LYS D 97 -40.26 11.37 -8.42
N ILE D 98 -41.06 10.30 -8.18
CA ILE D 98 -41.33 9.76 -6.83
C ILE D 98 -40.03 9.27 -6.17
N LYS D 99 -39.13 8.69 -6.98
CA LYS D 99 -37.82 8.19 -6.56
C LYS D 99 -36.88 9.34 -6.17
N LEU D 100 -36.83 10.40 -7.02
CA LEU D 100 -35.98 11.59 -6.84
C LEU D 100 -36.32 12.40 -5.57
N LEU D 101 -37.61 12.53 -5.22
CA LEU D 101 -38.06 13.29 -4.04
C LEU D 101 -37.83 12.54 -2.71
N LYS D 102 -37.77 11.18 -2.75
CA LYS D 102 -37.58 10.30 -1.59
C LYS D 102 -36.22 10.50 -0.89
N PRO D 103 -36.20 10.77 0.45
CA PRO D 103 -34.92 10.96 1.16
C PRO D 103 -34.12 9.67 1.36
N ILE D 104 -32.78 9.75 1.17
CA ILE D 104 -31.78 8.67 1.28
C ILE D 104 -31.73 8.09 2.71
N SER D 105 -31.44 6.78 2.83
CA SER D 105 -31.37 6.08 4.11
C SER D 105 -30.15 5.11 4.17
N GLY D 106 -29.91 4.54 5.36
CA GLY D 106 -28.86 3.58 5.65
C GLY D 106 -27.44 3.99 5.32
N LYS D 107 -26.69 3.06 4.74
CA LYS D 107 -25.28 3.22 4.32
C LYS D 107 -25.12 4.42 3.39
N LEU D 108 -26.00 4.59 2.38
CA LEU D 108 -25.89 5.67 1.40
C LEU D 108 -26.08 7.06 2.03
N ARG D 109 -27.01 7.19 3.00
CA ARG D 109 -27.26 8.44 3.75
C ARG D 109 -26.00 8.84 4.53
N ALA D 110 -25.35 7.87 5.19
CA ALA D 110 -24.13 8.08 5.98
C ALA D 110 -22.97 8.56 5.11
N GLN D 111 -22.77 7.88 3.96
CA GLN D 111 -21.69 8.19 3.00
C GLN D 111 -21.94 9.53 2.31
N TRP D 112 -23.22 9.85 2.02
CA TRP D 112 -23.60 11.14 1.42
C TRP D 112 -23.27 12.21 2.44
N GLU D 113 -23.70 12.02 3.70
CA GLU D 113 -23.39 12.93 4.81
C GLU D 113 -21.86 13.13 4.94
N MET D 114 -21.08 12.04 4.90
CA MET D 114 -19.63 12.07 4.99
C MET D 114 -19.02 12.92 3.87
N GLY D 115 -19.59 12.81 2.68
CA GLY D 115 -19.16 13.58 1.51
C GLY D 115 -19.34 15.06 1.68
N ILE D 116 -20.52 15.46 2.21
CA ILE D 116 -20.94 16.83 2.50
C ILE D 116 -19.94 17.46 3.50
N VAL D 117 -19.66 16.78 4.59
CA VAL D 117 -18.72 17.20 5.63
C VAL D 117 -17.32 17.47 4.98
N GLN D 118 -16.88 16.56 4.09
CA GLN D 118 -15.61 16.68 3.39
C GLN D 118 -15.65 17.85 2.41
N ALA D 119 -16.76 17.99 1.64
CA ALA D 119 -16.92 19.06 0.65
C ALA D 119 -16.95 20.42 1.27
N GLU D 120 -17.65 20.58 2.41
CA GLU D 120 -17.74 21.84 3.14
C GLU D 120 -16.39 22.24 3.78
N GLU D 121 -15.62 21.28 4.24
CA GLU D 121 -14.27 21.52 4.76
C GLU D 121 -13.35 21.95 3.60
N ALA D 122 -13.48 21.28 2.44
CA ALA D 122 -12.74 21.58 1.22
C ALA D 122 -13.08 22.99 0.73
N ALA D 123 -14.37 23.39 0.81
CA ALA D 123 -14.84 24.71 0.39
C ALA D 123 -14.24 25.85 1.22
N SER D 124 -13.93 25.60 2.49
CA SER D 124 -13.34 26.61 3.40
C SER D 124 -11.83 26.83 3.15
N MET D 125 -11.27 26.16 2.11
CA MET D 125 -9.85 26.18 1.73
C MET D 125 -9.59 26.82 0.40
N SER D 126 -8.35 27.33 0.20
CA SER D 126 -7.88 27.83 -1.09
C SER D 126 -7.74 26.57 -1.99
N VAL D 127 -8.05 26.69 -3.29
CA VAL D 127 -7.99 25.63 -4.31
C VAL D 127 -6.71 24.78 -4.20
N GLU D 128 -5.55 25.42 -3.99
CA GLU D 128 -4.25 24.72 -3.95
C GLU D 128 -4.15 23.75 -2.79
N GLU D 129 -4.54 24.22 -1.60
CA GLU D 129 -4.57 23.51 -0.34
C GLU D 129 -5.58 22.39 -0.38
N ARG D 130 -6.79 22.64 -0.95
CA ARG D 130 -7.80 21.59 -1.02
C ARG D 130 -7.38 20.50 -2.00
N LYS D 131 -6.67 20.84 -3.12
CA LYS D 131 -6.17 19.83 -4.06
C LYS D 131 -5.15 18.94 -3.32
N ALA D 132 -4.26 19.54 -2.52
CA ALA D 132 -3.23 18.81 -1.76
C ALA D 132 -3.83 17.96 -0.60
N LYS D 133 -4.97 18.37 -0.03
CA LYS D 133 -5.57 17.63 1.07
C LYS D 133 -6.61 16.61 0.63
N PHE D 134 -7.48 16.98 -0.31
CA PHE D 134 -8.63 16.15 -0.66
C PHE D 134 -8.50 15.38 -1.97
N THR D 135 -7.35 15.39 -2.65
CA THR D 135 -7.27 14.56 -3.84
C THR D 135 -7.00 13.13 -3.39
N PHE D 136 -7.97 12.26 -3.65
CA PHE D 136 -7.93 10.85 -3.32
C PHE D 136 -6.90 10.14 -4.19
N LEU D 137 -6.03 9.34 -3.56
CA LEU D 137 -4.99 8.53 -4.20
C LEU D 137 -5.64 7.28 -4.83
N TYR D 138 -5.20 6.93 -6.05
CA TYR D 138 -5.71 5.77 -6.79
C TYR D 138 -4.58 4.95 -7.43
N HIS E 6 2.66 -19.92 -31.30
CA HIS E 6 2.25 -19.44 -32.62
C HIS E 6 0.83 -19.90 -33.01
N LEU E 7 0.22 -20.79 -32.19
CA LEU E 7 -1.11 -21.33 -32.49
C LEU E 7 -2.22 -20.72 -31.63
N LEU E 8 -1.89 -19.87 -30.63
CA LEU E 8 -2.93 -19.25 -29.80
C LEU E 8 -3.49 -18.00 -30.46
N LYS E 9 -4.81 -17.82 -30.40
CA LYS E 9 -5.48 -16.67 -30.97
C LYS E 9 -5.05 -15.36 -30.27
N TYR E 10 -4.91 -15.39 -28.93
CA TYR E 10 -4.56 -14.20 -28.14
C TYR E 10 -3.27 -14.36 -27.37
N ASN E 11 -2.68 -13.22 -27.03
CA ASN E 11 -1.45 -13.10 -26.27
C ASN E 11 -1.57 -11.98 -25.22
N VAL E 12 -0.69 -11.98 -24.20
CA VAL E 12 -0.66 -10.96 -23.14
C VAL E 12 -0.60 -9.58 -23.80
N GLY E 13 -1.49 -8.69 -23.35
CA GLY E 13 -1.61 -7.31 -23.86
C GLY E 13 -2.66 -7.12 -24.94
N ASP E 14 -3.19 -8.23 -25.53
CA ASP E 14 -4.24 -8.13 -26.53
C ASP E 14 -5.55 -7.65 -25.90
N LEU E 15 -6.20 -6.74 -26.61
CA LEU E 15 -7.46 -6.14 -26.22
C LEU E 15 -8.62 -6.98 -26.73
N VAL E 16 -9.53 -7.36 -25.82
CA VAL E 16 -10.69 -8.20 -26.17
C VAL E 16 -11.97 -7.71 -25.49
N TRP E 17 -13.14 -8.13 -25.99
CA TRP E 17 -14.44 -7.92 -25.36
C TRP E 17 -14.71 -9.26 -24.69
N SER E 18 -15.17 -9.28 -23.42
CA SER E 18 -15.49 -10.52 -22.68
C SER E 18 -16.95 -10.56 -22.30
N LYS E 19 -17.59 -11.74 -22.44
CA LYS E 19 -18.99 -11.87 -22.04
C LYS E 19 -19.11 -12.74 -20.81
N VAL E 20 -19.65 -12.15 -19.73
CA VAL E 20 -19.93 -12.83 -18.47
C VAL E 20 -21.45 -12.74 -18.34
N SER E 21 -22.11 -13.88 -18.13
CA SER E 21 -23.55 -13.98 -17.94
C SER E 21 -24.04 -12.96 -16.90
N GLY E 22 -25.00 -12.13 -17.32
CA GLY E 22 -25.60 -11.07 -16.51
C GLY E 22 -24.93 -9.71 -16.61
N TYR E 23 -23.95 -9.58 -17.52
CA TYR E 23 -23.19 -8.36 -17.73
C TYR E 23 -23.05 -8.02 -19.20
N PRO E 24 -22.90 -6.72 -19.57
CA PRO E 24 -22.71 -6.41 -21.01
C PRO E 24 -21.30 -6.80 -21.46
N TRP E 25 -21.10 -6.98 -22.77
CA TRP E 25 -19.79 -7.27 -23.38
C TRP E 25 -18.85 -6.19 -22.85
N TRP E 26 -17.75 -6.59 -22.25
CA TRP E 26 -16.92 -5.62 -21.55
C TRP E 26 -15.51 -5.46 -22.12
N PRO E 27 -15.02 -4.19 -22.25
CA PRO E 27 -13.63 -3.95 -22.69
C PRO E 27 -12.61 -4.53 -21.69
N CYS E 28 -11.77 -5.45 -22.18
CA CYS E 28 -10.74 -6.19 -21.44
C CYS E 28 -9.38 -6.16 -22.15
N MET E 29 -8.37 -6.66 -21.45
CA MET E 29 -7.01 -6.87 -21.90
C MET E 29 -6.56 -8.24 -21.37
N VAL E 30 -5.93 -9.06 -22.21
CA VAL E 30 -5.40 -10.38 -21.85
C VAL E 30 -4.16 -10.14 -20.98
N SER E 31 -4.13 -10.82 -19.82
CA SER E 31 -3.04 -10.65 -18.87
C SER E 31 -2.71 -11.92 -18.12
N ALA E 32 -1.54 -11.94 -17.49
CA ALA E 32 -1.09 -13.06 -16.67
C ALA E 32 -1.85 -13.01 -15.36
N ASP E 33 -2.10 -14.17 -14.76
CA ASP E 33 -2.73 -14.26 -13.46
C ASP E 33 -1.67 -13.75 -12.44
N PRO E 34 -2.01 -12.83 -11.51
CA PRO E 34 -0.99 -12.34 -10.54
C PRO E 34 -0.36 -13.43 -9.65
N LEU E 35 -1.11 -14.52 -9.39
CA LEU E 35 -0.67 -15.64 -8.55
C LEU E 35 -0.23 -16.86 -9.38
N LEU E 36 -1.00 -17.22 -10.42
CA LEU E 36 -0.71 -18.43 -11.18
C LEU E 36 0.32 -18.19 -12.31
N HIS E 37 0.56 -16.92 -12.71
CA HIS E 37 1.56 -16.46 -13.68
C HIS E 37 1.37 -17.02 -15.10
N SER E 38 0.16 -17.53 -15.41
CA SER E 38 -0.19 -18.04 -16.74
C SER E 38 -1.26 -17.09 -17.31
N TYR E 39 -1.38 -17.00 -18.64
CA TYR E 39 -2.37 -16.13 -19.28
C TYR E 39 -3.44 -16.93 -20.05
N THR E 40 -3.20 -18.22 -20.31
CA THR E 40 -4.11 -19.13 -20.99
C THR E 40 -3.99 -20.53 -20.35
N LYS E 41 -5.09 -21.31 -20.38
CA LYS E 41 -5.15 -22.67 -19.88
C LYS E 41 -6.28 -23.43 -20.56
N LEU E 42 -6.30 -24.77 -20.38
CA LEU E 42 -7.34 -25.64 -20.90
C LEU E 42 -8.17 -26.09 -19.73
N LYS E 43 -9.48 -25.80 -19.76
CA LYS E 43 -10.33 -26.24 -18.64
C LYS E 43 -10.80 -27.61 -19.04
N GLY E 44 -10.12 -28.62 -18.51
CA GLY E 44 -10.34 -30.03 -18.83
C GLY E 44 -9.25 -30.59 -19.73
N SER E 48 -9.89 -29.35 -22.89
CA SER E 48 -10.63 -29.44 -24.14
C SER E 48 -10.97 -28.08 -24.78
N ALA E 49 -11.30 -27.06 -23.91
CA ALA E 49 -11.73 -25.71 -24.29
C ALA E 49 -10.95 -24.60 -23.53
N ARG E 50 -10.15 -23.87 -24.30
CA ARG E 50 -9.20 -22.85 -23.92
C ARG E 50 -9.85 -21.63 -23.25
N GLN E 51 -9.18 -21.17 -22.19
CA GLN E 51 -9.51 -19.99 -21.44
C GLN E 51 -8.31 -19.05 -21.45
N TYR E 52 -8.61 -17.75 -21.29
CA TYR E 52 -7.61 -16.71 -21.18
C TYR E 52 -7.92 -15.91 -19.93
N HIS E 53 -6.85 -15.50 -19.19
CA HIS E 53 -7.00 -14.63 -18.03
C HIS E 53 -7.14 -13.22 -18.56
N VAL E 54 -8.19 -12.49 -18.18
CA VAL E 54 -8.39 -11.11 -18.64
C VAL E 54 -8.58 -10.21 -17.47
N GLN E 55 -8.38 -8.91 -17.69
CA GLN E 55 -8.63 -7.86 -16.70
C GLN E 55 -9.66 -6.93 -17.31
N PHE E 56 -10.72 -6.67 -16.54
CA PHE E 56 -11.83 -5.82 -16.98
C PHE E 56 -11.44 -4.37 -16.78
N PHE E 57 -11.47 -3.57 -17.85
CA PHE E 57 -11.12 -2.16 -17.80
C PHE E 57 -12.21 -1.37 -17.07
N GLY E 58 -11.77 -0.34 -16.36
CA GLY E 58 -12.62 0.58 -15.61
C GLY E 58 -11.97 1.15 -14.38
N ASP E 59 -12.72 1.98 -13.66
CA ASP E 59 -12.30 2.62 -12.41
C ASP E 59 -12.29 1.62 -11.21
N ALA E 60 -13.04 0.50 -11.30
CA ALA E 60 -13.06 -0.60 -10.30
C ALA E 60 -12.62 -1.89 -11.02
N PRO E 61 -11.31 -2.08 -11.28
CA PRO E 61 -10.86 -3.26 -12.02
C PRO E 61 -11.08 -4.61 -11.32
N GLU E 62 -11.37 -5.60 -12.14
CA GLU E 62 -11.62 -6.97 -11.82
C GLU E 62 -10.85 -7.83 -12.82
N ARG E 63 -10.75 -9.11 -12.54
CA ARG E 63 -10.09 -10.06 -13.43
C ARG E 63 -10.83 -11.42 -13.37
N ALA E 64 -10.64 -12.26 -14.40
CA ALA E 64 -11.26 -13.58 -14.52
C ALA E 64 -10.63 -14.44 -15.63
N TRP E 65 -10.87 -15.76 -15.56
CA TRP E 65 -10.50 -16.74 -16.57
C TRP E 65 -11.77 -16.90 -17.41
N ILE E 66 -11.71 -16.43 -18.67
CA ILE E 66 -12.82 -16.44 -19.63
C ILE E 66 -12.53 -17.38 -20.79
N PHE E 67 -13.53 -18.19 -21.19
CA PHE E 67 -13.44 -19.08 -22.33
C PHE E 67 -13.27 -18.29 -23.63
N GLU E 68 -12.46 -18.84 -24.57
CA GLU E 68 -12.18 -18.26 -25.88
C GLU E 68 -13.49 -17.96 -26.63
N LYS E 69 -14.52 -18.84 -26.49
CA LYS E 69 -15.86 -18.74 -27.10
C LYS E 69 -16.56 -17.47 -26.70
N SER E 70 -16.21 -16.91 -25.50
CA SER E 70 -16.77 -15.68 -24.90
C SER E 70 -15.84 -14.46 -25.11
N LEU E 71 -14.86 -14.56 -26.02
CA LEU E 71 -13.95 -13.46 -26.33
C LEU E 71 -14.05 -13.08 -27.79
N VAL E 72 -13.93 -11.78 -28.06
CA VAL E 72 -13.94 -11.17 -29.40
C VAL E 72 -12.86 -10.09 -29.38
N ALA E 73 -11.97 -10.07 -30.39
CA ALA E 73 -10.89 -9.08 -30.49
C ALA E 73 -11.49 -7.65 -30.49
N PHE E 74 -10.92 -6.78 -29.65
CA PHE E 74 -11.39 -5.41 -29.51
C PHE E 74 -10.75 -4.50 -30.58
N GLU E 75 -11.63 -3.84 -31.37
CA GLU E 75 -11.27 -2.85 -32.39
C GLU E 75 -11.67 -1.45 -31.87
N GLY E 76 -12.88 -1.36 -31.31
CA GLY E 76 -13.45 -0.14 -30.77
C GLY E 76 -14.89 -0.27 -30.32
N GLU E 77 -15.46 0.81 -29.74
CA GLU E 77 -16.81 0.89 -29.19
C GLU E 77 -17.92 0.53 -30.21
N GLY E 78 -17.71 0.89 -31.48
CA GLY E 78 -18.65 0.64 -32.57
C GLY E 78 -19.10 -0.80 -32.76
N GLN E 79 -18.35 -1.78 -32.18
CA GLN E 79 -18.62 -3.22 -32.29
C GLN E 79 -19.74 -3.68 -31.36
N PHE E 80 -19.88 -2.97 -30.21
CA PHE E 80 -20.80 -3.29 -29.11
C PHE E 80 -22.24 -3.58 -29.56
N GLU E 81 -22.83 -2.73 -30.43
CA GLU E 81 -24.20 -2.89 -30.93
C GLU E 81 -24.40 -4.26 -31.58
N LYS E 82 -23.49 -4.65 -32.50
CA LYS E 82 -23.54 -5.95 -33.19
C LYS E 82 -23.34 -7.10 -32.21
N LEU E 83 -22.45 -6.92 -31.22
CA LEU E 83 -22.19 -7.95 -30.19
C LEU E 83 -23.45 -8.27 -29.39
N CYS E 84 -24.24 -7.23 -29.01
CA CYS E 84 -25.53 -7.34 -28.29
C CYS E 84 -26.57 -8.06 -29.14
N GLN E 85 -26.72 -7.61 -30.41
CA GLN E 85 -27.68 -8.14 -31.38
C GLN E 85 -27.38 -9.60 -31.71
N GLU E 86 -26.08 -10.00 -31.78
CA GLU E 86 -25.69 -11.38 -32.07
C GLU E 86 -25.90 -12.27 -30.85
N SER E 87 -25.59 -11.76 -29.63
CA SER E 87 -25.78 -12.47 -28.35
C SER E 87 -27.28 -12.67 -28.05
N ALA E 88 -28.12 -11.68 -28.41
CA ALA E 88 -29.57 -11.72 -28.24
C ALA E 88 -30.18 -12.80 -29.13
N LYS E 89 -29.74 -12.88 -30.42
CA LYS E 89 -30.22 -13.88 -31.39
C LYS E 89 -29.83 -15.30 -30.97
N GLN E 90 -28.64 -15.47 -30.36
CA GLN E 90 -28.13 -16.74 -29.84
C GLN E 90 -28.90 -17.20 -28.57
N ALA E 91 -29.45 -16.24 -27.79
CA ALA E 91 -30.20 -16.53 -26.55
C ALA E 91 -31.57 -17.15 -26.85
N LYS E 99 -33.55 -8.93 -22.18
CA LYS E 99 -32.57 -8.49 -21.17
C LYS E 99 -31.25 -8.00 -21.81
N LEU E 100 -30.74 -8.77 -22.80
CA LEU E 100 -29.49 -8.47 -23.53
C LEU E 100 -29.57 -7.18 -24.37
N LEU E 101 -30.74 -6.88 -24.98
CA LEU E 101 -30.96 -5.70 -25.82
C LEU E 101 -31.13 -4.40 -24.99
N LYS E 102 -31.57 -4.51 -23.70
CA LYS E 102 -31.78 -3.39 -22.77
C LYS E 102 -30.47 -2.61 -22.45
N PRO E 103 -30.46 -1.27 -22.64
CA PRO E 103 -29.21 -0.50 -22.38
C PRO E 103 -28.88 -0.33 -20.90
N ILE E 104 -27.56 -0.42 -20.57
CA ILE E 104 -26.97 -0.30 -19.22
C ILE E 104 -27.19 1.11 -18.64
N SER E 105 -27.35 1.20 -17.30
CA SER E 105 -27.60 2.46 -16.59
C SER E 105 -26.79 2.55 -15.29
N GLY E 106 -26.84 3.73 -14.65
CA GLY E 106 -26.21 4.03 -13.37
C GLY E 106 -24.72 3.84 -13.28
N LYS E 107 -24.29 3.24 -12.16
CA LYS E 107 -22.89 2.95 -11.84
C LYS E 107 -22.24 2.08 -12.92
N LEU E 108 -22.93 1.01 -13.37
CA LEU E 108 -22.41 0.08 -14.37
C LEU E 108 -22.17 0.76 -15.74
N ARG E 109 -23.07 1.67 -16.17
CA ARG E 109 -22.92 2.43 -17.41
C ARG E 109 -21.67 3.32 -17.33
N ALA E 110 -21.44 3.98 -16.18
CA ALA E 110 -20.28 4.85 -15.96
C ALA E 110 -18.98 4.08 -16.02
N GLN E 111 -18.92 2.92 -15.34
CA GLN E 111 -17.74 2.05 -15.30
C GLN E 111 -17.47 1.41 -16.64
N TRP E 112 -18.55 1.06 -17.39
CA TRP E 112 -18.43 0.49 -18.73
C TRP E 112 -17.80 1.57 -19.61
N GLU E 113 -18.37 2.79 -19.57
CA GLU E 113 -17.84 3.94 -20.29
C GLU E 113 -16.36 4.19 -19.93
N MET E 114 -16.00 4.12 -18.64
CA MET E 114 -14.63 4.32 -18.18
C MET E 114 -13.69 3.28 -18.79
N GLY E 115 -14.16 2.03 -18.88
CA GLY E 115 -13.41 0.93 -19.47
C GLY E 115 -13.11 1.15 -20.94
N ILE E 116 -14.12 1.58 -21.73
CA ILE E 116 -14.07 1.93 -23.16
C ILE E 116 -13.00 3.00 -23.41
N VAL E 117 -13.02 4.07 -22.60
CA VAL E 117 -12.07 5.18 -22.66
C VAL E 117 -10.60 4.65 -22.43
N GLN E 118 -10.44 3.79 -21.45
CA GLN E 118 -9.17 3.13 -21.14
C GLN E 118 -8.75 2.20 -22.25
N ALA E 119 -9.69 1.39 -22.81
CA ALA E 119 -9.39 0.43 -23.86
C ALA E 119 -9.00 1.11 -25.15
N GLU E 120 -9.67 2.22 -25.51
CA GLU E 120 -9.39 3.00 -26.72
C GLU E 120 -8.02 3.69 -26.62
N GLU E 121 -7.67 4.20 -25.43
CA GLU E 121 -6.35 4.78 -25.17
C GLU E 121 -5.27 3.68 -25.28
N ALA E 122 -5.54 2.47 -24.72
CA ALA E 122 -4.67 1.30 -24.78
C ALA E 122 -4.46 0.86 -26.24
N ALA E 123 -5.55 0.88 -27.05
CA ALA E 123 -5.54 0.50 -28.47
C ALA E 123 -4.61 1.38 -29.30
N SER E 124 -4.51 2.67 -28.95
CA SER E 124 -3.69 3.65 -29.68
C SER E 124 -2.17 3.48 -29.40
N MET E 125 -1.79 2.50 -28.57
CA MET E 125 -0.43 2.21 -28.10
C MET E 125 0.13 0.91 -28.62
N SER E 126 1.48 0.82 -28.67
CA SER E 126 2.20 -0.42 -29.01
C SER E 126 1.95 -1.37 -27.82
N VAL E 127 1.81 -2.66 -28.08
CA VAL E 127 1.56 -3.74 -27.10
C VAL E 127 2.45 -3.61 -25.84
N GLU E 128 3.75 -3.31 -26.01
CA GLU E 128 4.68 -3.21 -24.88
C GLU E 128 4.36 -2.09 -23.95
N GLU E 129 4.07 -0.90 -24.51
CA GLU E 129 3.71 0.34 -23.80
C GLU E 129 2.38 0.17 -23.11
N ARG E 130 1.39 -0.45 -23.79
CA ARG E 130 0.08 -0.64 -23.17
C ARG E 130 0.19 -1.66 -22.01
N LYS E 131 1.07 -2.69 -22.11
CA LYS E 131 1.28 -3.63 -20.98
C LYS E 131 1.90 -2.86 -19.80
N ALA E 132 2.87 -1.98 -20.06
CA ALA E 132 3.52 -1.20 -19.01
C ALA E 132 2.58 -0.16 -18.37
N LYS E 133 1.61 0.38 -19.14
CA LYS E 133 0.70 1.37 -18.59
C LYS E 133 -0.59 0.80 -18.01
N PHE E 134 -1.20 -0.18 -18.70
CA PHE E 134 -2.52 -0.63 -18.32
C PHE E 134 -2.58 -1.95 -17.59
N THR E 135 -1.44 -2.58 -17.24
CA THR E 135 -1.55 -3.82 -16.48
C THR E 135 -1.82 -3.44 -15.05
N PHE E 136 -3.02 -3.78 -14.56
CA PHE E 136 -3.45 -3.48 -13.19
C PHE E 136 -2.62 -4.30 -12.18
N LEU E 137 -2.07 -3.62 -11.15
CA LEU E 137 -1.24 -4.21 -10.11
C LEU E 137 -2.13 -4.92 -9.08
N TYR E 138 -1.71 -6.13 -8.63
CA TYR E 138 -2.46 -6.96 -7.68
C TYR E 138 -1.49 -7.56 -6.64
N LEU F 7 1.59 36.69 -7.43
CA LEU F 7 2.75 37.44 -7.90
C LEU F 7 4.10 36.76 -7.50
N LEU F 8 4.05 35.43 -7.18
CA LEU F 8 5.23 34.60 -6.82
C LEU F 8 5.91 34.10 -8.09
N LYS F 9 7.21 33.79 -8.01
CA LYS F 9 7.99 33.37 -9.19
C LYS F 9 7.60 31.98 -9.69
N TYR F 10 7.38 31.03 -8.75
CA TYR F 10 7.02 29.64 -9.09
C TYR F 10 5.66 29.25 -8.55
N ASN F 11 5.07 28.25 -9.20
CA ASN F 11 3.78 27.69 -8.86
C ASN F 11 3.85 26.15 -8.91
N VAL F 12 2.87 25.46 -8.29
CA VAL F 12 2.79 23.99 -8.28
C VAL F 12 2.85 23.50 -9.73
N GLY F 13 3.73 22.54 -9.99
CA GLY F 13 3.92 21.96 -11.31
C GLY F 13 5.08 22.55 -12.09
N ASP F 14 5.65 23.68 -11.64
CA ASP F 14 6.78 24.29 -12.32
C ASP F 14 8.03 23.46 -12.12
N LEU F 15 8.78 23.32 -13.20
CA LEU F 15 10.02 22.57 -13.23
C LEU F 15 11.19 23.48 -12.90
N VAL F 16 11.98 23.07 -11.90
CA VAL F 16 13.11 23.85 -11.44
C VAL F 16 14.37 22.99 -11.25
N TRP F 17 15.56 23.62 -11.19
CA TRP F 17 16.81 22.98 -10.80
C TRP F 17 16.98 23.42 -9.33
N SER F 18 17.33 22.50 -8.42
CA SER F 18 17.54 22.84 -6.99
C SER F 18 18.97 22.54 -6.58
N LYS F 19 19.58 23.44 -5.79
CA LYS F 19 20.93 23.21 -5.31
C LYS F 19 20.95 22.94 -3.82
N VAL F 20 21.38 21.73 -3.44
CA VAL F 20 21.54 21.29 -2.06
C VAL F 20 23.03 21.06 -1.91
N SER F 21 23.62 21.64 -0.86
CA SER F 21 25.04 21.50 -0.54
C SER F 21 25.48 20.03 -0.54
N GLY F 22 26.49 19.71 -1.34
CA GLY F 22 27.05 18.36 -1.48
C GLY F 22 26.43 17.52 -2.59
N TYR F 23 25.55 18.15 -3.40
CA TYR F 23 24.82 17.50 -4.48
C TYR F 23 24.83 18.31 -5.75
N PRO F 24 24.77 17.68 -6.95
CA PRO F 24 24.71 18.50 -8.18
C PRO F 24 23.34 19.15 -8.34
N TRP F 25 23.26 20.24 -9.12
CA TRP F 25 21.99 20.91 -9.47
C TRP F 25 21.05 19.81 -9.95
N TRP F 26 19.89 19.69 -9.33
CA TRP F 26 19.03 18.54 -9.60
C TRP F 26 17.67 18.91 -10.22
N PRO F 27 17.18 18.14 -11.21
CA PRO F 27 15.86 18.43 -11.80
C PRO F 27 14.75 18.15 -10.80
N CYS F 28 13.89 19.14 -10.61
CA CYS F 28 12.79 19.13 -9.63
C CYS F 28 11.45 19.64 -10.23
N MET F 29 10.36 19.41 -9.49
CA MET F 29 9.06 19.97 -9.78
C MET F 29 8.53 20.55 -8.45
N VAL F 30 8.01 21.78 -8.50
CA VAL F 30 7.42 22.48 -7.36
C VAL F 30 6.12 21.75 -7.04
N SER F 31 5.91 21.49 -5.73
CA SER F 31 4.78 20.73 -5.29
C SER F 31 4.32 21.13 -3.91
N ALA F 32 3.14 20.61 -3.53
CA ALA F 32 2.57 20.84 -2.22
C ALA F 32 3.17 19.82 -1.26
N ASP F 33 3.50 20.26 -0.02
CA ASP F 33 3.99 19.38 1.04
C ASP F 33 2.83 18.38 1.36
N PRO F 34 3.10 17.04 1.31
CA PRO F 34 2.02 16.04 1.53
C PRO F 34 1.25 16.17 2.84
N LEU F 35 1.92 16.72 3.88
CA LEU F 35 1.37 16.92 5.21
C LEU F 35 0.92 18.35 5.45
N LEU F 36 1.75 19.34 5.10
CA LEU F 36 1.46 20.75 5.40
C LEU F 36 0.57 21.42 4.32
N HIS F 37 0.44 20.82 3.12
CA HIS F 37 -0.44 21.23 2.01
C HIS F 37 -0.13 22.62 1.44
N SER F 38 1.09 23.14 1.72
CA SER F 38 1.56 24.43 1.21
C SER F 38 2.69 24.10 0.23
N TYR F 39 2.94 24.99 -0.76
CA TYR F 39 4.00 24.79 -1.74
C TYR F 39 5.10 25.85 -1.61
N THR F 40 4.83 26.96 -0.88
CA THR F 40 5.77 28.05 -0.64
C THR F 40 5.55 28.58 0.77
N LYS F 41 6.60 29.13 1.40
CA LYS F 41 6.57 29.72 2.74
C LYS F 41 7.73 30.70 2.89
N LEU F 42 7.66 31.52 3.95
CA LEU F 42 8.69 32.49 4.32
C LEU F 42 9.39 31.97 5.56
N LYS F 43 10.73 31.99 5.55
CA LYS F 43 11.55 31.53 6.67
C LYS F 43 12.36 32.70 7.25
N SER F 48 11.16 36.37 6.03
CA SER F 48 11.95 37.32 5.24
C SER F 48 12.47 36.72 3.90
N ALA F 49 12.74 35.38 3.87
CA ALA F 49 13.26 34.67 2.68
C ALA F 49 12.34 33.50 2.24
N ARG F 50 11.89 33.53 0.97
CA ARG F 50 10.95 32.58 0.40
C ARG F 50 11.58 31.22 0.08
N GLN F 51 10.84 30.18 0.42
CA GLN F 51 11.16 28.79 0.13
C GLN F 51 10.00 28.17 -0.64
N TYR F 52 10.32 27.16 -1.44
CA TYR F 52 9.36 26.38 -2.18
C TYR F 52 9.60 24.92 -1.87
N HIS F 53 8.51 24.15 -1.81
CA HIS F 53 8.56 22.72 -1.59
C HIS F 53 8.78 22.11 -2.94
N VAL F 54 9.81 21.27 -3.08
CA VAL F 54 10.10 20.62 -4.36
C VAL F 54 10.21 19.15 -4.18
N GLN F 55 10.02 18.41 -5.25
CA GLN F 55 10.25 17.00 -5.33
C GLN F 55 11.38 16.79 -6.33
N PHE F 56 12.38 15.96 -5.93
CA PHE F 56 13.56 15.62 -6.71
C PHE F 56 13.19 14.47 -7.63
N PHE F 57 13.36 14.68 -8.97
CA PHE F 57 13.05 13.64 -9.94
C PHE F 57 14.10 12.54 -9.93
N GLY F 58 13.66 11.33 -10.31
CA GLY F 58 14.47 10.12 -10.36
C GLY F 58 13.75 8.89 -9.85
N ASP F 59 14.43 7.75 -9.88
CA ASP F 59 13.92 6.43 -9.49
C ASP F 59 13.75 6.28 -7.93
N ALA F 60 14.46 7.09 -7.12
CA ALA F 60 14.36 7.14 -5.62
C ALA F 60 13.95 8.57 -5.24
N PRO F 61 12.65 8.94 -5.39
CA PRO F 61 12.24 10.32 -5.12
C PRO F 61 12.38 10.78 -3.67
N GLU F 62 12.69 12.07 -3.54
CA GLU F 62 12.87 12.78 -2.31
C GLU F 62 12.18 14.11 -2.46
N ARG F 63 12.03 14.82 -1.34
CA ARG F 63 11.42 16.14 -1.34
C ARG F 63 12.10 17.03 -0.31
N ALA F 64 11.95 18.37 -0.44
CA ALA F 64 12.52 19.35 0.50
C ALA F 64 11.94 20.74 0.31
N TRP F 65 12.13 21.58 1.33
CA TRP F 65 11.84 23.03 1.32
C TRP F 65 13.18 23.68 0.96
N ILE F 66 13.26 24.25 -0.26
CA ILE F 66 14.44 24.90 -0.83
C ILE F 66 14.20 26.41 -1.00
N PHE F 67 15.20 27.22 -0.63
CA PHE F 67 15.18 28.68 -0.80
C PHE F 67 15.14 29.04 -2.28
N GLU F 68 14.40 30.11 -2.62
CA GLU F 68 14.26 30.66 -3.97
C GLU F 68 15.64 30.94 -4.60
N LYS F 69 16.61 31.43 -3.78
CA LYS F 69 18.00 31.74 -4.19
C LYS F 69 18.72 30.50 -4.74
N SER F 70 18.29 29.29 -4.31
CA SER F 70 18.83 27.99 -4.72
C SER F 70 17.95 27.30 -5.82
N LEU F 71 17.05 28.05 -6.46
CA LEU F 71 16.21 27.54 -7.55
C LEU F 71 16.43 28.33 -8.82
N VAL F 72 16.41 27.61 -9.96
CA VAL F 72 16.55 28.14 -11.32
C VAL F 72 15.51 27.41 -12.20
N ALA F 73 14.74 28.14 -13.02
CA ALA F 73 13.72 27.62 -13.91
C ALA F 73 14.31 26.58 -14.88
N PHE F 74 13.71 25.37 -14.89
CA PHE F 74 14.20 24.29 -15.74
C PHE F 74 13.68 24.43 -17.20
N GLU F 75 14.61 24.46 -18.15
CA GLU F 75 14.35 24.51 -19.59
C GLU F 75 14.77 23.15 -20.20
N GLY F 76 15.95 22.66 -19.80
CA GLY F 76 16.52 21.39 -20.23
C GLY F 76 17.90 21.12 -19.66
N GLU F 77 18.43 19.92 -19.94
CA GLU F 77 19.74 19.42 -19.50
C GLU F 77 20.91 20.35 -19.90
N GLY F 78 20.82 20.98 -21.07
CA GLY F 78 21.84 21.90 -21.59
C GLY F 78 22.26 23.05 -20.67
N GLN F 79 21.43 23.36 -19.63
CA GLN F 79 21.68 24.44 -18.66
C GLN F 79 22.69 24.05 -17.60
N PHE F 80 22.77 22.73 -17.28
CA PHE F 80 23.59 22.15 -16.21
C PHE F 80 25.05 22.61 -16.20
N GLU F 81 25.74 22.61 -17.37
CA GLU F 81 27.14 23.02 -17.47
C GLU F 81 27.35 24.43 -16.95
N LYS F 82 26.50 25.40 -17.40
CA LYS F 82 26.57 26.80 -16.96
C LYS F 82 26.25 26.93 -15.48
N LEU F 83 25.29 26.13 -14.98
CA LEU F 83 24.92 26.14 -13.56
C LEU F 83 26.10 25.76 -12.67
N CYS F 84 26.90 24.73 -13.07
CA CYS F 84 28.10 24.25 -12.37
C CYS F 84 29.18 25.33 -12.36
N GLN F 85 29.45 25.90 -13.56
CA GLN F 85 30.47 26.93 -13.78
C GLN F 85 30.13 28.22 -13.02
N GLU F 86 28.83 28.57 -12.90
CA GLU F 86 28.41 29.77 -12.17
C GLU F 86 28.48 29.54 -10.66
N SER F 87 28.11 28.33 -10.18
CA SER F 87 28.14 27.95 -8.75
C SER F 87 29.59 27.82 -8.25
N ALA F 88 30.50 27.38 -9.15
CA ALA F 88 31.95 27.25 -8.89
C ALA F 88 32.57 28.63 -8.72
N LYS F 89 32.25 29.59 -9.61
CA LYS F 89 32.75 30.97 -9.59
C LYS F 89 32.28 31.72 -8.33
N GLN F 90 31.02 31.48 -7.90
CA GLN F 90 30.42 32.07 -6.71
C GLN F 90 31.00 31.48 -5.41
N ALA F 91 31.52 30.22 -5.44
CA ALA F 91 32.13 29.55 -4.28
C ALA F 91 33.48 30.20 -3.90
N THR F 93 35.50 29.64 -1.34
CA THR F 93 36.35 28.54 -0.91
C THR F 93 36.94 27.79 -2.10
N LYS F 94 38.29 27.64 -2.13
CA LYS F 94 39.05 26.96 -3.19
C LYS F 94 38.67 25.47 -3.32
N ALA F 95 38.44 24.78 -2.19
CA ALA F 95 38.07 23.37 -2.13
C ALA F 95 36.67 23.13 -2.72
N GLU F 96 35.72 24.04 -2.45
CA GLU F 96 34.33 24.00 -2.91
C GLU F 96 34.23 24.01 -4.45
N LYS F 97 35.07 24.83 -5.11
CA LYS F 97 35.12 24.98 -6.57
C LYS F 97 35.55 23.68 -7.27
N ILE F 98 36.64 23.03 -6.80
CA ILE F 98 37.17 21.77 -7.35
C ILE F 98 36.14 20.65 -7.24
N LYS F 99 35.36 20.65 -6.14
CA LYS F 99 34.29 19.70 -5.85
C LYS F 99 33.09 19.91 -6.81
N LEU F 100 32.67 21.18 -7.00
CA LEU F 100 31.54 21.57 -7.86
C LEU F 100 31.75 21.23 -9.35
N LEU F 101 32.98 21.40 -9.88
CA LEU F 101 33.31 21.14 -11.29
C LEU F 101 33.44 19.62 -11.60
N LYS F 102 33.73 18.78 -10.57
CA LYS F 102 33.89 17.31 -10.69
C LYS F 102 32.59 16.60 -11.15
N PRO F 103 32.66 15.77 -12.22
CA PRO F 103 31.45 15.09 -12.73
C PRO F 103 30.99 13.93 -11.85
N ILE F 104 29.64 13.80 -11.68
CA ILE F 104 28.95 12.77 -10.89
C ILE F 104 29.19 11.35 -11.49
N SER F 105 29.25 10.33 -10.59
CA SER F 105 29.50 8.93 -10.94
C SER F 105 28.59 7.96 -10.15
N GLY F 106 28.63 6.68 -10.54
CA GLY F 106 27.91 5.58 -9.90
C GLY F 106 26.40 5.71 -9.79
N LYS F 107 25.87 5.33 -8.63
CA LYS F 107 24.44 5.35 -8.33
C LYS F 107 23.84 6.76 -8.53
N LEU F 108 24.53 7.82 -8.02
CA LEU F 108 24.06 9.20 -8.12
C LEU F 108 23.96 9.69 -9.57
N ARG F 109 24.93 9.31 -10.45
CA ARG F 109 24.92 9.67 -11.87
C ARG F 109 23.70 9.04 -12.55
N ALA F 110 23.40 7.78 -12.25
CA ALA F 110 22.26 7.04 -12.81
C ALA F 110 20.93 7.69 -12.43
N GLN F 111 20.77 8.04 -11.13
CA GLN F 111 19.57 8.65 -10.58
C GLN F 111 19.40 10.08 -11.08
N TRP F 112 20.53 10.80 -11.27
CA TRP F 112 20.50 12.16 -11.83
C TRP F 112 20.00 12.04 -13.25
N GLU F 113 20.60 11.13 -14.04
CA GLU F 113 20.18 10.84 -15.40
C GLU F 113 18.68 10.47 -15.46
N MET F 114 18.22 9.61 -14.56
CA MET F 114 16.81 9.20 -14.47
C MET F 114 15.88 10.42 -14.23
N GLY F 115 16.30 11.34 -13.37
CA GLY F 115 15.57 12.55 -13.06
C GLY F 115 15.39 13.46 -14.26
N ILE F 116 16.50 13.71 -15.01
CA ILE F 116 16.59 14.49 -16.26
C ILE F 116 15.60 13.94 -17.33
N VAL F 117 15.58 12.61 -17.53
CA VAL F 117 14.68 11.89 -18.44
C VAL F 117 13.19 12.17 -18.04
N GLN F 118 12.89 12.08 -16.74
CA GLN F 118 11.57 12.35 -16.18
C GLN F 118 11.22 13.82 -16.35
N ALA F 119 12.18 14.75 -16.05
CA ALA F 119 11.95 16.19 -16.12
C ALA F 119 11.69 16.65 -17.54
N GLU F 120 12.43 16.10 -18.51
CA GLU F 120 12.26 16.42 -19.93
C GLU F 120 10.93 15.89 -20.46
N GLU F 121 10.49 14.73 -19.97
CA GLU F 121 9.19 14.16 -20.32
C GLU F 121 8.06 15.02 -19.72
N ALA F 122 8.27 15.52 -18.49
CA ALA F 122 7.34 16.40 -17.79
C ALA F 122 7.26 17.75 -18.52
N ALA F 123 8.41 18.27 -19.01
CA ALA F 123 8.50 19.55 -19.73
C ALA F 123 7.70 19.56 -21.02
N SER F 124 7.61 18.41 -21.70
CA SER F 124 6.87 18.26 -22.98
C SER F 124 5.33 18.26 -22.79
N MET F 125 4.86 18.35 -21.53
CA MET F 125 3.46 18.30 -21.12
C MET F 125 2.90 19.63 -20.61
N SER F 126 1.57 19.79 -20.70
CA SER F 126 0.86 20.93 -20.12
C SER F 126 0.97 20.73 -18.59
N VAL F 127 1.09 21.83 -17.83
CA VAL F 127 1.20 21.85 -16.36
C VAL F 127 0.21 20.91 -15.68
N GLU F 128 -1.06 20.88 -16.13
CA GLU F 128 -2.11 20.05 -15.51
C GLU F 128 -1.85 18.57 -15.62
N GLU F 129 -1.47 18.12 -16.83
CA GLU F 129 -1.12 16.74 -17.20
C GLU F 129 0.12 16.31 -16.47
N ARG F 130 1.16 17.17 -16.40
CA ARG F 130 2.40 16.80 -15.72
C ARG F 130 2.14 16.68 -14.20
N LYS F 131 1.22 17.52 -13.62
CA LYS F 131 0.87 17.41 -12.20
C LYS F 131 0.19 16.05 -11.97
N ALA F 132 -0.71 15.63 -12.87
CA ALA F 132 -1.42 14.35 -12.77
C ALA F 132 -0.50 13.13 -12.96
N LYS F 133 0.56 13.26 -13.78
CA LYS F 133 1.44 12.15 -14.03
C LYS F 133 2.65 12.08 -13.08
N PHE F 134 3.28 13.23 -12.81
CA PHE F 134 4.56 13.23 -12.11
C PHE F 134 4.49 13.66 -10.66
N THR F 135 3.32 13.87 -10.08
CA THR F 135 3.30 14.21 -8.65
C THR F 135 3.48 12.94 -7.89
N PHE F 136 4.63 12.82 -7.18
CA PHE F 136 4.97 11.65 -6.37
C PHE F 136 4.04 11.54 -5.17
N LEU F 137 3.43 10.34 -4.97
CA LEU F 137 2.49 10.04 -3.88
C LEU F 137 3.25 9.77 -2.60
N TYR F 138 2.75 10.33 -1.46
CA TYR F 138 3.37 10.19 -0.13
C TYR F 138 2.32 9.90 0.95
N ASP G 5 9.98 -4.72 -31.76
CA ASP G 5 10.67 -5.35 -30.63
C ASP G 5 11.58 -6.50 -31.09
N HIS G 6 11.10 -7.32 -32.06
CA HIS G 6 11.81 -8.46 -32.68
C HIS G 6 13.14 -8.06 -33.40
N LEU G 7 13.44 -6.75 -33.46
CA LEU G 7 14.62 -6.21 -34.10
C LEU G 7 15.72 -5.77 -33.12
N LEU G 8 15.46 -5.72 -31.83
CA LEU G 8 16.48 -5.25 -30.87
C LEU G 8 17.23 -6.43 -30.27
N LYS G 9 18.47 -6.20 -29.70
CA LYS G 9 19.24 -7.29 -29.07
C LYS G 9 18.50 -7.86 -27.87
N TYR G 10 17.89 -6.98 -27.04
CA TYR G 10 17.15 -7.36 -25.83
C TYR G 10 15.70 -6.92 -25.87
N ASN G 11 14.88 -7.64 -25.12
CA ASN G 11 13.46 -7.37 -24.99
C ASN G 11 13.05 -7.47 -23.51
N VAL G 12 11.85 -6.94 -23.16
CA VAL G 12 11.31 -7.01 -21.79
C VAL G 12 11.32 -8.45 -21.35
N GLY G 13 11.86 -8.70 -20.15
CA GLY G 13 11.95 -10.03 -19.57
C GLY G 13 13.29 -10.71 -19.77
N ASP G 14 14.15 -10.19 -20.68
CA ASP G 14 15.47 -10.77 -20.90
C ASP G 14 16.37 -10.52 -19.70
N LEU G 15 17.12 -11.54 -19.32
CA LEU G 15 18.04 -11.49 -18.21
C LEU G 15 19.43 -11.04 -18.70
N VAL G 16 20.01 -10.04 -18.04
CA VAL G 16 21.31 -9.46 -18.39
C VAL G 16 22.13 -9.17 -17.14
N TRP G 17 23.46 -9.03 -17.31
CA TRP G 17 24.36 -8.57 -16.25
C TRP G 17 24.55 -7.11 -16.60
N SER G 18 24.52 -6.22 -15.58
CA SER G 18 24.72 -4.77 -15.74
C SER G 18 25.98 -4.27 -15.03
N LYS G 19 26.71 -3.35 -15.69
CA LYS G 19 27.87 -2.78 -15.02
C LYS G 19 27.64 -1.32 -14.77
N VAL G 20 27.63 -0.95 -13.48
CA VAL G 20 27.52 0.43 -13.01
C VAL G 20 28.85 0.68 -12.30
N SER G 21 29.54 1.79 -12.65
CA SER G 21 30.82 2.18 -12.06
C SER G 21 30.73 2.16 -10.53
N GLY G 22 31.65 1.41 -9.91
CA GLY G 22 31.76 1.25 -8.46
C GLY G 22 30.95 0.11 -7.88
N TYR G 23 30.38 -0.74 -8.77
CA TYR G 23 29.57 -1.90 -8.39
C TYR G 23 29.94 -3.14 -9.14
N PRO G 24 29.75 -4.36 -8.57
CA PRO G 24 30.09 -5.57 -9.35
C PRO G 24 29.05 -5.80 -10.44
N TRP G 25 29.40 -6.58 -11.50
CA TRP G 25 28.46 -6.95 -12.57
C TRP G 25 27.25 -7.54 -11.86
N TRP G 26 26.06 -6.99 -12.12
CA TRP G 26 24.90 -7.37 -11.33
C TRP G 26 23.80 -8.07 -12.12
N PRO G 27 23.24 -9.17 -11.56
CA PRO G 27 22.13 -9.87 -12.24
C PRO G 27 20.86 -8.99 -12.31
N CYS G 28 20.44 -8.66 -13.54
CA CYS G 28 19.28 -7.82 -13.88
C CYS G 28 18.26 -8.50 -14.82
N MET G 29 17.12 -7.82 -15.05
CA MET G 29 16.08 -8.22 -15.99
C MET G 29 15.63 -6.95 -16.72
N VAL G 30 15.58 -7.00 -18.05
CA VAL G 30 15.15 -5.86 -18.87
C VAL G 30 13.65 -5.65 -18.60
N SER G 31 13.26 -4.38 -18.37
CA SER G 31 11.88 -4.08 -18.04
C SER G 31 11.50 -2.71 -18.51
N ALA G 32 10.20 -2.42 -18.49
CA ALA G 32 9.65 -1.12 -18.87
C ALA G 32 9.79 -0.19 -17.67
N ASP G 33 10.02 1.10 -17.96
CA ASP G 33 10.08 2.13 -16.97
C ASP G 33 8.68 2.21 -16.35
N PRO G 34 8.54 2.12 -14.99
CA PRO G 34 7.20 2.21 -14.37
C PRO G 34 6.44 3.51 -14.64
N LEU G 35 7.17 4.60 -14.95
CA LEU G 35 6.62 5.93 -15.21
C LEU G 35 6.61 6.25 -16.71
N LEU G 36 7.73 6.03 -17.40
CA LEU G 36 7.86 6.41 -18.82
C LEU G 36 7.33 5.33 -19.78
N HIS G 37 7.14 4.06 -19.29
CA HIS G 37 6.55 2.91 -19.99
C HIS G 37 7.34 2.49 -21.23
N SER G 38 8.63 2.90 -21.34
CA SER G 38 9.51 2.48 -22.44
C SER G 38 10.56 1.54 -21.84
N TYR G 39 11.15 0.61 -22.63
CA TYR G 39 12.18 -0.31 -22.11
C TYR G 39 13.56 -0.10 -22.77
N THR G 40 13.59 0.66 -23.87
CA THR G 40 14.81 0.99 -24.61
C THR G 40 14.67 2.39 -25.16
N LYS G 41 15.80 3.09 -25.34
CA LYS G 41 15.84 4.43 -25.93
C LYS G 41 17.23 4.70 -26.51
N LEU G 42 17.34 5.76 -27.32
CA LEU G 42 18.60 6.22 -27.91
C LEU G 42 18.98 7.51 -27.21
N LYS G 43 20.25 7.60 -26.75
CA LYS G 43 20.79 8.76 -26.03
C LYS G 43 21.92 9.41 -26.82
N SER G 48 22.12 8.19 -30.77
CA SER G 48 23.35 7.57 -31.29
C SER G 48 23.74 6.29 -30.52
N ALA G 49 23.41 6.18 -29.22
CA ALA G 49 23.74 5.00 -28.40
C ALA G 49 22.54 4.47 -27.63
N ARG G 50 22.23 3.17 -27.79
CA ARG G 50 21.08 2.50 -27.21
C ARG G 50 21.26 2.17 -25.73
N GLN G 51 20.19 2.43 -24.97
CA GLN G 51 20.07 2.12 -23.57
C GLN G 51 18.86 1.24 -23.39
N TYR G 52 18.88 0.43 -22.31
CA TYR G 52 17.78 -0.42 -21.91
C TYR G 52 17.52 -0.14 -20.46
N HIS G 53 16.23 -0.12 -20.08
CA HIS G 53 15.81 0.06 -18.69
C HIS G 53 15.89 -1.32 -18.06
N VAL G 54 16.61 -1.44 -16.93
CA VAL G 54 16.78 -2.73 -16.23
C VAL G 54 16.37 -2.60 -14.77
N GLN G 55 16.04 -3.75 -14.14
CA GLN G 55 15.78 -3.86 -12.71
C GLN G 55 16.87 -4.74 -12.16
N PHE G 56 17.49 -4.31 -11.07
CA PHE G 56 18.55 -5.05 -10.40
C PHE G 56 17.90 -6.03 -9.48
N PHE G 57 18.22 -7.34 -9.63
CA PHE G 57 17.67 -8.38 -8.76
C PHE G 57 18.27 -8.32 -7.37
N GLY G 58 17.43 -8.63 -6.38
CA GLY G 58 17.80 -8.67 -4.98
C GLY G 58 16.64 -8.40 -4.05
N ASP G 59 16.94 -8.45 -2.75
CA ASP G 59 16.00 -8.19 -1.66
C ASP G 59 15.66 -6.67 -1.54
N ALA G 60 16.53 -5.78 -2.08
CA ALA G 60 16.33 -4.30 -2.12
C ALA G 60 16.40 -3.90 -3.61
N PRO G 61 15.33 -4.13 -4.40
CA PRO G 61 15.39 -3.83 -5.84
C PRO G 61 15.56 -2.36 -6.18
N GLU G 62 16.31 -2.14 -7.26
CA GLU G 62 16.63 -0.83 -7.84
C GLU G 62 16.43 -0.97 -9.34
N ARG G 63 16.45 0.15 -10.04
CA ARG G 63 16.30 0.17 -11.49
C ARG G 63 17.15 1.30 -12.09
N ALA G 64 17.46 1.22 -13.40
CA ALA G 64 18.25 2.22 -14.13
C ALA G 64 18.19 2.04 -15.65
N TRP G 65 18.57 3.09 -16.38
CA TRP G 65 18.75 3.11 -17.84
C TRP G 65 20.23 2.88 -18.02
N ILE G 66 20.60 1.70 -18.57
CA ILE G 66 21.97 1.26 -18.80
C ILE G 66 22.24 1.13 -20.30
N PHE G 67 23.42 1.61 -20.74
CA PHE G 67 23.88 1.50 -22.11
C PHE G 67 24.10 0.04 -22.47
N GLU G 68 23.80 -0.31 -23.74
CA GLU G 68 23.95 -1.66 -24.30
C GLU G 68 25.38 -2.17 -24.10
N LYS G 69 26.40 -1.28 -24.25
CA LYS G 69 27.84 -1.56 -24.07
C LYS G 69 28.15 -2.11 -22.68
N SER G 70 27.30 -1.77 -21.68
CA SER G 70 27.42 -2.19 -20.27
C SER G 70 26.47 -3.36 -19.92
N LEU G 71 25.89 -4.01 -20.94
CA LEU G 71 25.01 -5.18 -20.74
C LEU G 71 25.60 -6.41 -21.43
N VAL G 72 25.43 -7.57 -20.77
CA VAL G 72 25.87 -8.88 -21.25
C VAL G 72 24.72 -9.83 -20.92
N ALA G 73 24.30 -10.65 -21.90
CA ALA G 73 23.22 -11.63 -21.72
C ALA G 73 23.55 -12.56 -20.53
N PHE G 74 22.59 -12.75 -19.63
CA PHE G 74 22.77 -13.60 -18.46
C PHE G 74 22.48 -15.06 -18.79
N GLU G 75 23.47 -15.92 -18.56
CA GLU G 75 23.39 -17.37 -18.73
C GLU G 75 23.39 -18.02 -17.34
N GLY G 76 24.29 -17.56 -16.47
CA GLY G 76 24.41 -18.02 -15.08
C GLY G 76 25.57 -17.38 -14.32
N GLU G 77 25.69 -17.70 -13.03
CA GLU G 77 26.74 -17.19 -12.11
C GLU G 77 28.18 -17.44 -12.60
N GLY G 78 28.42 -18.59 -13.27
CA GLY G 78 29.74 -18.96 -13.80
C GLY G 78 30.42 -17.96 -14.72
N GLN G 79 29.67 -16.99 -15.27
CA GLN G 79 30.16 -15.94 -16.18
C GLN G 79 30.89 -14.81 -15.44
N PHE G 80 30.48 -14.55 -14.18
CA PHE G 80 30.95 -13.45 -13.33
C PHE G 80 32.48 -13.32 -13.26
N GLU G 81 33.22 -14.42 -13.03
CA GLU G 81 34.68 -14.38 -12.92
C GLU G 81 35.32 -13.79 -14.17
N LYS G 82 34.91 -14.26 -15.37
CA LYS G 82 35.43 -13.76 -16.64
C LYS G 82 35.03 -12.30 -16.88
N LEU G 83 33.81 -11.92 -16.47
CA LEU G 83 33.32 -10.55 -16.60
C LEU G 83 34.20 -9.57 -15.82
N CYS G 84 34.63 -9.94 -14.57
CA CYS G 84 35.53 -9.17 -13.69
C CYS G 84 36.91 -9.04 -14.29
N GLN G 85 37.47 -10.16 -14.75
CA GLN G 85 38.80 -10.23 -15.34
C GLN G 85 38.87 -9.43 -16.66
N GLU G 86 37.77 -9.42 -17.45
CA GLU G 86 37.71 -8.65 -18.71
C GLU G 86 37.52 -7.15 -18.42
N SER G 87 36.71 -6.80 -17.39
CA SER G 87 36.43 -5.42 -16.96
C SER G 87 37.66 -4.79 -16.29
N ALA G 88 38.52 -5.62 -15.65
CA ALA G 88 39.77 -5.22 -15.01
C ALA G 88 40.84 -4.90 -16.07
N LYS G 89 40.96 -5.76 -17.10
CA LYS G 89 41.90 -5.60 -18.23
C LYS G 89 41.56 -4.36 -19.07
N GLN G 90 40.25 -4.03 -19.22
CA GLN G 90 39.77 -2.86 -19.95
C GLN G 90 40.06 -1.55 -19.19
N ALA G 91 40.16 -1.61 -17.84
CA ALA G 91 40.45 -0.45 -16.98
C ALA G 91 41.90 0.03 -17.13
N LYS G 102 38.73 -7.13 -6.57
CA LYS G 102 38.45 -7.33 -5.15
C LYS G 102 37.04 -7.95 -4.88
N PRO G 103 36.96 -9.09 -4.14
CA PRO G 103 35.65 -9.72 -3.88
C PRO G 103 34.76 -8.94 -2.89
N ILE G 104 33.44 -8.83 -3.24
CA ILE G 104 32.36 -8.15 -2.49
C ILE G 104 32.16 -8.79 -1.10
N SER G 105 31.78 -7.95 -0.11
CA SER G 105 31.56 -8.39 1.28
C SER G 105 30.32 -7.70 1.89
N GLY G 106 29.96 -8.12 3.12
CA GLY G 106 28.84 -7.61 3.92
C GLY G 106 27.47 -7.62 3.27
N LYS G 107 26.76 -6.49 3.41
CA LYS G 107 25.41 -6.27 2.91
C LYS G 107 25.34 -6.48 1.40
N LEU G 108 26.31 -5.92 0.65
CA LEU G 108 26.35 -5.98 -0.81
C LEU G 108 26.53 -7.42 -1.32
N ARG G 109 27.38 -8.22 -0.66
CA ARG G 109 27.62 -9.63 -1.02
C ARG G 109 26.33 -10.43 -0.85
N ALA G 110 25.59 -10.20 0.24
CA ALA G 110 24.33 -10.86 0.53
C ALA G 110 23.26 -10.54 -0.53
N GLN G 111 23.13 -9.24 -0.88
CA GLN G 111 22.14 -8.76 -1.85
C GLN G 111 22.50 -9.22 -3.28
N TRP G 112 23.82 -9.30 -3.59
CA TRP G 112 24.30 -9.80 -4.88
C TRP G 112 23.92 -11.28 -4.96
N GLU G 113 24.22 -12.03 -3.89
CA GLU G 113 23.87 -13.45 -3.78
C GLU G 113 22.34 -13.64 -3.95
N MET G 114 21.54 -12.79 -3.30
CA MET G 114 20.06 -12.83 -3.39
C MET G 114 19.61 -12.62 -4.86
N GLY G 115 20.29 -11.75 -5.60
CA GLY G 115 20.02 -11.46 -7.00
C GLY G 115 20.25 -12.64 -7.91
N ILE G 116 21.38 -13.35 -7.69
CA ILE G 116 21.80 -14.57 -8.42
C ILE G 116 20.75 -15.66 -8.26
N VAL G 117 20.32 -15.90 -7.03
CA VAL G 117 19.29 -16.89 -6.68
C VAL G 117 17.97 -16.56 -7.45
N GLN G 118 17.57 -15.26 -7.46
CA GLN G 118 16.38 -14.80 -8.15
C GLN G 118 16.55 -14.91 -9.66
N ALA G 119 17.73 -14.50 -10.18
CA ALA G 119 18.00 -14.53 -11.64
C ALA G 119 18.04 -15.93 -12.18
N GLU G 120 18.64 -16.88 -11.45
CA GLU G 120 18.73 -18.29 -11.83
C GLU G 120 17.35 -18.96 -11.80
N GLU G 121 16.50 -18.58 -10.85
CA GLU G 121 15.13 -19.09 -10.78
C GLU G 121 14.34 -18.53 -11.97
N ALA G 122 14.52 -17.24 -12.30
CA ALA G 122 13.91 -16.56 -13.42
C ALA G 122 14.35 -17.19 -14.74
N ALA G 123 15.64 -17.57 -14.86
CA ALA G 123 16.21 -18.21 -16.05
C ALA G 123 15.57 -19.57 -16.35
N SER G 124 15.17 -20.32 -15.31
CA SER G 124 14.54 -21.64 -15.45
C SER G 124 13.06 -21.56 -15.93
N MET G 125 12.56 -20.32 -16.18
CA MET G 125 11.17 -20.05 -16.55
C MET G 125 11.03 -19.53 -17.95
N SER G 126 9.85 -19.71 -18.56
CA SER G 126 9.54 -19.12 -19.86
C SER G 126 9.42 -17.60 -19.62
N VAL G 127 9.84 -16.77 -20.59
CA VAL G 127 9.82 -15.30 -20.57
C VAL G 127 8.49 -14.74 -20.02
N GLU G 128 7.35 -15.31 -20.44
CA GLU G 128 6.02 -14.82 -20.03
C GLU G 128 5.78 -14.96 -18.55
N GLU G 129 6.06 -16.16 -18.01
CA GLU G 129 5.94 -16.55 -16.61
C GLU G 129 6.91 -15.74 -15.75
N ARG G 130 8.19 -15.57 -16.21
CA ARG G 130 9.17 -14.82 -15.42
C ARG G 130 8.76 -13.33 -15.37
N LYS G 131 8.13 -12.76 -16.45
CA LYS G 131 7.64 -11.38 -16.42
C LYS G 131 6.56 -11.26 -15.35
N ALA G 132 5.62 -12.23 -15.32
CA ALA G 132 4.53 -12.23 -14.35
C ALA G 132 5.02 -12.45 -12.88
N LYS G 133 6.11 -13.21 -12.68
CA LYS G 133 6.61 -13.46 -11.32
C LYS G 133 7.66 -12.46 -10.83
N PHE G 134 8.61 -12.09 -11.70
CA PHE G 134 9.74 -11.28 -11.24
C PHE G 134 9.70 -9.81 -11.61
N THR G 135 8.63 -9.30 -12.21
CA THR G 135 8.61 -7.86 -12.48
C THR G 135 8.26 -7.14 -11.18
N PHE G 136 9.22 -6.37 -10.68
CA PHE G 136 9.11 -5.58 -9.46
C PHE G 136 8.13 -4.43 -9.65
N LEU G 137 7.17 -4.31 -8.72
CA LEU G 137 6.15 -3.27 -8.67
C LEU G 137 6.76 -1.96 -8.14
N TYR G 138 6.39 -0.84 -8.79
CA TYR G 138 6.87 0.50 -8.40
C TYR G 138 5.72 1.53 -8.36
N LEU H 7 14.57 -33.45 9.77
CA LEU H 7 15.94 -33.61 10.28
C LEU H 7 16.77 -32.29 10.20
N LEU H 8 16.14 -31.16 9.79
CA LEU H 8 16.80 -29.84 9.72
C LEU H 8 16.87 -29.19 11.10
N LYS H 9 17.98 -28.45 11.39
CA LYS H 9 18.19 -27.81 12.68
C LYS H 9 17.12 -26.74 12.94
N TYR H 10 16.77 -25.94 11.91
CA TYR H 10 15.81 -24.84 12.04
C TYR H 10 14.60 -25.00 11.16
N ASN H 11 13.52 -24.35 11.58
CA ASN H 11 12.25 -24.33 10.86
C ASN H 11 11.66 -22.90 10.86
N VAL H 12 10.70 -22.64 9.96
CA VAL H 12 10.03 -21.32 9.83
C VAL H 12 9.50 -20.93 11.21
N GLY H 13 9.81 -19.71 11.63
CA GLY H 13 9.39 -19.16 12.92
C GLY H 13 10.44 -19.25 14.01
N ASP H 14 11.48 -20.09 13.82
CA ASP H 14 12.56 -20.21 14.81
C ASP H 14 13.37 -18.94 14.89
N LEU H 15 13.68 -18.55 16.11
CA LEU H 15 14.46 -17.38 16.40
C LEU H 15 15.94 -17.72 16.47
N VAL H 16 16.75 -16.98 15.72
CA VAL H 16 18.20 -17.22 15.66
C VAL H 16 18.97 -15.92 15.68
N TRP H 17 20.27 -15.99 16.00
CA TRP H 17 21.22 -14.87 15.89
C TRP H 17 21.96 -15.12 14.58
N SER H 18 22.12 -14.09 13.74
CA SER H 18 22.82 -14.21 12.44
C SER H 18 24.05 -13.33 12.39
N LYS H 19 25.17 -13.86 11.84
CA LYS H 19 26.38 -13.07 11.72
C LYS H 19 26.66 -12.74 10.27
N VAL H 20 26.68 -11.43 9.97
CA VAL H 20 27.00 -10.89 8.65
C VAL H 20 28.27 -10.05 8.91
N SER H 21 29.31 -10.28 8.10
CA SER H 21 30.59 -9.59 8.19
C SER H 21 30.38 -8.06 8.24
N GLY H 22 30.93 -7.43 9.27
CA GLY H 22 30.82 -5.98 9.48
C GLY H 22 29.64 -5.52 10.30
N TYR H 23 28.89 -6.47 10.87
CA TYR H 23 27.70 -6.23 11.68
C TYR H 23 27.71 -7.05 12.96
N PRO H 24 27.06 -6.56 14.05
CA PRO H 24 27.01 -7.38 15.27
C PRO H 24 26.05 -8.55 15.08
N TRP H 25 26.19 -9.62 15.89
CA TRP H 25 25.26 -10.77 15.89
C TRP H 25 23.87 -10.16 16.03
N TRP H 26 22.97 -10.50 15.11
CA TRP H 26 21.68 -9.81 15.07
C TRP H 26 20.48 -10.72 15.32
N PRO H 27 19.51 -10.25 16.14
CA PRO H 27 18.29 -11.05 16.34
C PRO H 27 17.47 -11.18 15.04
N CYS H 28 17.30 -12.43 14.60
CA CYS H 28 16.53 -12.81 13.39
C CYS H 28 15.47 -13.88 13.74
N MET H 29 14.64 -14.19 12.74
CA MET H 29 13.60 -15.23 12.74
C MET H 29 13.67 -15.89 11.37
N VAL H 30 13.66 -17.23 11.34
CA VAL H 30 13.72 -18.03 10.11
C VAL H 30 12.36 -17.86 9.40
N SER H 31 12.43 -17.60 8.08
CA SER H 31 11.24 -17.35 7.29
C SER H 31 11.39 -17.79 5.85
N ALA H 32 10.24 -17.98 5.16
CA ALA H 32 10.14 -18.32 3.74
C ALA H 32 10.51 -17.09 2.93
N ASP H 33 11.32 -17.25 1.85
CA ASP H 33 11.70 -16.18 0.93
C ASP H 33 10.39 -15.66 0.29
N PRO H 34 10.06 -14.34 0.38
CA PRO H 34 8.75 -13.86 -0.14
C PRO H 34 8.47 -14.13 -1.61
N LEU H 35 9.53 -14.30 -2.43
CA LEU H 35 9.45 -14.61 -3.85
C LEU H 35 9.72 -16.10 -4.16
N LEU H 36 10.75 -16.70 -3.54
CA LEU H 36 11.16 -18.08 -3.83
C LEU H 36 10.43 -19.14 -2.97
N HIS H 37 9.68 -18.71 -1.92
CA HIS H 37 8.80 -19.53 -1.05
C HIS H 37 9.49 -20.74 -0.40
N SER H 38 10.82 -20.71 -0.30
CA SER H 38 11.63 -21.73 0.38
C SER H 38 12.24 -21.05 1.61
N TYR H 39 12.56 -21.83 2.67
CA TYR H 39 13.17 -21.25 3.87
C TYR H 39 14.59 -21.76 4.11
N THR H 40 14.99 -22.84 3.41
CA THR H 40 16.31 -23.44 3.48
C THR H 40 16.70 -23.92 2.08
N LYS H 41 18.02 -23.95 1.79
CA LYS H 41 18.56 -24.44 0.53
C LYS H 41 20.03 -24.84 0.73
N LEU H 42 20.60 -25.54 -0.26
CA LEU H 42 21.99 -25.96 -0.27
C LEU H 42 22.70 -25.14 -1.32
N LYS H 43 23.88 -24.61 -0.94
CA LYS H 43 24.71 -23.80 -1.83
C LYS H 43 26.06 -24.47 -2.05
N SER H 48 25.71 -28.60 -1.16
CA SER H 48 26.91 -28.80 -0.33
C SER H 48 26.70 -28.29 1.14
N ALA H 49 26.59 -26.94 1.35
CA ALA H 49 26.42 -26.21 2.63
C ALA H 49 25.04 -25.53 2.74
N ARG H 50 24.33 -25.80 3.86
CA ARG H 50 22.97 -25.35 4.09
C ARG H 50 22.88 -23.88 4.50
N GLN H 51 21.87 -23.22 3.92
CA GLN H 51 21.52 -21.84 4.20
C GLN H 51 20.06 -21.80 4.61
N TYR H 52 19.71 -20.76 5.39
CA TYR H 52 18.35 -20.51 5.83
C TYR H 52 18.05 -19.06 5.51
N HIS H 53 16.79 -18.77 5.11
CA HIS H 53 16.33 -17.41 4.83
C HIS H 53 15.91 -16.86 6.17
N VAL H 54 16.47 -15.69 6.55
CA VAL H 54 16.12 -15.07 7.83
C VAL H 54 15.66 -13.66 7.58
N GLN H 55 14.97 -13.11 8.59
CA GLN H 55 14.55 -11.72 8.61
C GLN H 55 15.19 -11.09 9.81
N PHE H 56 15.80 -9.93 9.61
CA PHE H 56 16.49 -9.20 10.67
C PHE H 56 15.48 -8.36 11.40
N PHE H 57 15.35 -8.58 12.73
CA PHE H 57 14.40 -7.81 13.55
C PHE H 57 14.86 -6.36 13.73
N GLY H 58 13.88 -5.46 13.72
CA GLY H 58 14.08 -4.03 13.88
C GLY H 58 13.02 -3.17 13.22
N ASP H 59 13.19 -1.86 13.42
CA ASP H 59 12.32 -0.82 12.87
C ASP H 59 12.53 -0.65 11.33
N ALA H 60 13.70 -1.06 10.79
CA ALA H 60 14.06 -1.07 9.35
C ALA H 60 14.37 -2.53 8.96
N PRO H 61 13.35 -3.40 8.79
CA PRO H 61 13.62 -4.81 8.52
C PRO H 61 14.28 -5.10 7.17
N GLU H 62 15.12 -6.14 7.19
CA GLU H 62 15.90 -6.64 6.08
C GLU H 62 15.80 -8.15 6.14
N ARG H 63 16.25 -8.82 5.08
CA ARG H 63 16.24 -10.25 4.97
C ARG H 63 17.46 -10.73 4.21
N ALA H 64 17.84 -12.01 4.38
CA ALA H 64 18.99 -12.64 3.70
C ALA H 64 19.00 -14.15 3.82
N TRP H 65 19.78 -14.81 2.95
CA TRP H 65 20.09 -16.24 2.95
C TRP H 65 21.42 -16.32 3.68
N ILE H 66 21.40 -16.87 4.91
CA ILE H 66 22.55 -17.01 5.80
C ILE H 66 22.91 -18.48 5.98
N PHE H 67 24.21 -18.79 5.93
CA PHE H 67 24.74 -20.14 6.16
C PHE H 67 24.47 -20.57 7.60
N GLU H 68 24.17 -21.86 7.79
CA GLU H 68 23.90 -22.50 9.08
C GLU H 68 25.05 -22.23 10.07
N LYS H 69 26.33 -22.27 9.57
CA LYS H 69 27.56 -22.00 10.33
C LYS H 69 27.55 -20.62 10.99
N SER H 70 26.79 -19.66 10.40
CA SER H 70 26.63 -18.28 10.89
C SER H 70 25.31 -18.06 11.67
N LEU H 71 24.66 -19.15 12.10
CA LEU H 71 23.43 -19.09 12.88
C LEU H 71 23.61 -19.81 14.23
N VAL H 72 22.99 -19.23 15.27
CA VAL H 72 22.95 -19.72 16.65
C VAL H 72 21.51 -19.49 17.15
N ALA H 73 20.89 -20.53 17.73
CA ALA H 73 19.54 -20.50 18.28
C ALA H 73 19.41 -19.37 19.30
N PHE H 74 18.39 -18.51 19.12
CA PHE H 74 18.15 -17.38 20.02
C PHE H 74 17.38 -17.82 21.29
N GLU H 75 17.97 -17.54 22.45
CA GLU H 75 17.41 -17.79 23.77
C GLU H 75 17.04 -16.41 24.40
N GLY H 76 17.96 -15.45 24.26
CA GLY H 76 17.82 -14.10 24.78
C GLY H 76 19.08 -13.26 24.65
N GLU H 77 18.96 -11.95 24.97
CA GLU H 77 20.02 -10.93 24.88
C GLU H 77 21.31 -11.34 25.62
N GLY H 78 21.18 -12.04 26.75
CA GLY H 78 22.31 -12.52 27.55
C GLY H 78 23.38 -13.32 26.84
N GLN H 79 23.07 -13.84 25.62
CA GLN H 79 23.96 -14.67 24.80
C GLN H 79 24.97 -13.83 24.02
N PHE H 80 24.58 -12.60 23.66
CA PHE H 80 25.34 -11.66 22.83
C PHE H 80 26.80 -11.48 23.26
N GLU H 81 27.08 -11.27 24.56
CA GLU H 81 28.44 -11.06 25.08
C GLU H 81 29.34 -12.23 24.72
N LYS H 82 28.89 -13.48 24.96
CA LYS H 82 29.64 -14.70 24.65
C LYS H 82 29.80 -14.88 23.13
N LEU H 83 28.78 -14.48 22.34
CA LEU H 83 28.83 -14.55 20.87
C LEU H 83 29.99 -13.69 20.33
N CYS H 84 30.13 -12.45 20.87
CA CYS H 84 31.18 -11.49 20.52
C CYS H 84 32.55 -12.01 20.88
N GLN H 85 32.69 -12.50 22.12
CA GLN H 85 33.93 -13.04 22.68
C GLN H 85 34.39 -14.28 21.94
N GLU H 86 33.45 -15.15 21.50
CA GLU H 86 33.80 -16.35 20.75
C GLU H 86 34.17 -16.02 19.31
N SER H 87 33.45 -15.05 18.67
CA SER H 87 33.72 -14.57 17.31
C SER H 87 35.08 -13.83 17.24
N ALA H 88 35.44 -13.08 18.30
CA ALA H 88 36.70 -12.35 18.43
C ALA H 88 37.87 -13.32 18.52
N ALA H 91 38.55 -14.99 15.20
CA ALA H 91 39.11 -14.08 14.20
C ALA H 91 40.64 -14.07 14.25
N PRO H 92 41.26 -14.74 13.25
CA PRO H 92 42.73 -14.79 13.19
C PRO H 92 43.40 -13.42 13.04
N THR H 93 42.77 -12.53 12.24
CA THR H 93 43.20 -11.16 11.98
C THR H 93 43.12 -10.31 13.27
N LYS H 94 44.22 -9.62 13.63
CA LYS H 94 44.35 -8.76 14.81
C LYS H 94 43.36 -7.58 14.80
N ALA H 95 43.16 -6.96 13.62
CA ALA H 95 42.27 -5.83 13.38
C ALA H 95 40.80 -6.20 13.58
N GLU H 96 40.42 -7.42 13.11
CA GLU H 96 39.06 -7.97 13.18
C GLU H 96 38.57 -8.15 14.62
N LYS H 97 39.48 -8.59 15.53
CA LYS H 97 39.19 -8.83 16.95
C LYS H 97 38.86 -7.52 17.70
N ILE H 98 39.67 -6.46 17.52
CA ILE H 98 39.48 -5.15 18.15
C ILE H 98 38.15 -4.52 17.71
N LYS H 99 37.77 -4.74 16.44
CA LYS H 99 36.52 -4.27 15.83
C LYS H 99 35.31 -5.02 16.41
N LEU H 100 35.40 -6.36 16.52
CA LEU H 100 34.34 -7.26 17.02
C LEU H 100 33.96 -7.00 18.49
N LEU H 101 34.95 -6.69 19.36
CA LEU H 101 34.74 -6.44 20.79
C LEU H 101 34.14 -5.03 21.07
N LYS H 102 34.35 -4.05 20.16
CA LYS H 102 33.86 -2.67 20.26
C LYS H 102 32.31 -2.57 20.29
N PRO H 103 31.73 -1.88 21.30
CA PRO H 103 30.25 -1.78 21.39
C PRO H 103 29.63 -0.86 20.34
N ILE H 104 28.47 -1.29 19.76
CA ILE H 104 27.67 -0.59 18.73
C ILE H 104 27.13 0.76 19.25
N SER H 105 27.02 1.76 18.36
CA SER H 105 26.56 3.11 18.69
C SER H 105 25.60 3.67 17.63
N GLY H 106 25.01 4.84 17.91
CA GLY H 106 24.11 5.59 17.04
C GLY H 106 22.87 4.87 16.54
N LYS H 107 22.57 5.05 15.25
CA LYS H 107 21.43 4.46 14.57
C LYS H 107 21.42 2.93 14.68
N LEU H 108 22.59 2.27 14.47
CA LEU H 108 22.71 0.82 14.51
C LEU H 108 22.42 0.26 15.90
N ARG H 109 22.88 0.94 16.98
CA ARG H 109 22.62 0.53 18.37
C ARG H 109 21.12 0.58 18.66
N ALA H 110 20.42 1.62 18.18
CA ALA H 110 18.98 1.80 18.36
C ALA H 110 18.18 0.71 17.67
N GLN H 111 18.53 0.40 16.42
CA GLN H 111 17.87 -0.62 15.61
C GLN H 111 18.16 -2.02 16.12
N TRP H 112 19.39 -2.26 16.65
CA TRP H 112 19.77 -3.53 17.26
C TRP H 112 18.90 -3.70 18.49
N GLU H 113 18.84 -2.66 19.36
CA GLU H 113 17.99 -2.64 20.54
C GLU H 113 16.52 -2.91 20.16
N MET H 114 16.00 -2.27 19.11
CA MET H 114 14.63 -2.46 18.64
C MET H 114 14.38 -3.94 18.25
N GLY H 115 15.38 -4.55 17.60
CA GLY H 115 15.33 -5.95 17.19
C GLY H 115 15.22 -6.91 18.35
N ILE H 116 16.02 -6.67 19.40
CA ILE H 116 16.07 -7.47 20.65
C ILE H 116 14.71 -7.45 21.32
N VAL H 117 14.14 -6.26 21.48
CA VAL H 117 12.83 -6.03 22.08
C VAL H 117 11.75 -6.86 21.30
N GLN H 118 11.81 -6.82 19.96
CA GLN H 118 10.91 -7.58 19.09
C GLN H 118 11.17 -9.08 19.23
N ALA H 119 12.45 -9.52 19.27
CA ALA H 119 12.81 -10.93 19.35
C ALA H 119 12.40 -11.52 20.67
N GLU H 120 12.57 -10.79 21.78
CA GLU H 120 12.18 -11.24 23.12
C GLU H 120 10.65 -11.32 23.27
N GLU H 121 9.90 -10.40 22.64
CA GLU H 121 8.43 -10.43 22.62
C GLU H 121 7.99 -11.66 21.79
N ALA H 122 8.65 -11.92 20.64
CA ALA H 122 8.43 -13.07 19.77
C ALA H 122 8.71 -14.39 20.52
N ALA H 123 9.79 -14.43 21.33
CA ALA H 123 10.19 -15.60 22.11
C ALA H 123 9.15 -15.98 23.15
N SER H 124 8.42 -15.00 23.71
CA SER H 124 7.39 -15.26 24.74
C SER H 124 6.08 -15.85 24.14
N MET H 125 6.06 -16.08 22.80
CA MET H 125 4.91 -16.55 22.03
C MET H 125 5.08 -17.95 21.47
N SER H 126 3.95 -18.63 21.20
CA SER H 126 3.94 -19.93 20.54
C SER H 126 4.36 -19.65 19.09
N VAL H 127 5.13 -20.56 18.47
CA VAL H 127 5.64 -20.46 17.07
C VAL H 127 4.56 -19.95 16.09
N GLU H 128 3.33 -20.45 16.17
CA GLU H 128 2.26 -20.09 15.23
C GLU H 128 1.86 -18.63 15.32
N GLU H 129 1.69 -18.13 16.55
CA GLU H 129 1.33 -16.76 16.90
C GLU H 129 2.44 -15.82 16.53
N ARG H 130 3.71 -16.21 16.80
CA ARG H 130 4.84 -15.34 16.45
C ARG H 130 4.99 -15.28 14.90
N LYS H 131 4.73 -16.39 14.16
CA LYS H 131 4.79 -16.33 12.68
C LYS H 131 3.70 -15.36 12.16
N ALA H 132 2.50 -15.37 12.77
CA ALA H 132 1.38 -14.50 12.37
C ALA H 132 1.61 -13.03 12.75
N LYS H 133 2.37 -12.77 13.82
CA LYS H 133 2.61 -11.40 14.26
C LYS H 133 3.91 -10.80 13.69
N PHE H 134 4.99 -11.58 13.69
CA PHE H 134 6.29 -11.03 13.36
C PHE H 134 6.80 -11.35 11.96
N THR H 135 6.04 -12.00 11.09
CA THR H 135 6.54 -12.20 9.75
C THR H 135 6.32 -10.91 8.98
N PHE H 136 7.42 -10.23 8.62
CA PHE H 136 7.44 -8.96 7.90
C PHE H 136 6.88 -9.15 6.49
N LEU H 137 5.93 -8.28 6.09
CA LEU H 137 5.25 -8.31 4.81
C LEU H 137 6.16 -7.77 3.70
N TYR H 138 6.16 -8.46 2.53
CA TYR H 138 6.94 -8.13 1.33
C TYR H 138 6.12 -8.45 0.07
O1 Y6V I . 19.31 8.37 11.52
C1 Y6V I . 18.52 9.13 12.08
N1 Y6V I . 18.40 9.11 13.45
C2 Y6V I . 18.99 7.99 14.19
C3 Y6V I . 18.05 6.83 14.37
C4 Y6V I . 17.94 6.02 15.52
C5 Y6V I . 16.95 5.03 15.32
C6 Y6V I . 16.50 4.95 14.03
S1 Y6V I . 17.02 6.29 13.11
C7 Y6V I . 17.70 10.15 14.22
C8 Y6V I . 18.14 11.56 14.11
C9 Y6V I . 18.37 10.81 15.37
C10 Y6V I . 17.68 10.00 11.20
C11 Y6V I . 18.27 10.63 10.10
C12 Y6V I . 17.50 11.35 9.21
C13 Y6V I . 16.12 11.48 9.42
N2 Y6V I . 15.30 12.23 8.55
C14 Y6V I . 13.98 12.42 8.79
O2 Y6V I . 13.24 12.89 7.95
C15 Y6V I . 13.47 11.99 10.13
O3 Y6V I . 14.19 10.94 10.77
C16 Y6V I . 15.53 10.88 10.53
C17 Y6V I . 16.29 10.12 11.40
UNK UNX J . 20.17 22.19 3.31
O1 Y6V K . -19.38 -13.48 0.42
C1 Y6V K . -18.61 -14.43 0.34
N1 Y6V K . -18.63 -15.40 1.31
C2 Y6V K . -19.34 -15.12 2.57
C3 Y6V K . -18.46 -14.47 3.61
C4 Y6V K . -18.52 -14.68 4.99
C5 Y6V K . -17.51 -13.92 5.64
C6 Y6V K . -16.95 -13.00 4.84
S1 Y6V K . -17.27 -13.30 3.21
C7 Y6V K . -17.97 -16.71 1.16
C8 Y6V K . -18.33 -17.61 0.03
C9 Y6V K . -18.73 -17.95 1.41
C10 Y6V K . -17.67 -14.44 -0.81
C11 Y6V K . -18.13 -14.06 -2.08
C12 Y6V K . -17.27 -13.97 -3.15
C13 Y6V K . -15.91 -14.24 -2.97
N2 Y6V K . -15.00 -14.18 -4.04
C14 Y6V K . -13.70 -14.54 -3.91
O2 Y6V K . -12.89 -14.30 -4.78
C15 Y6V K . -13.32 -15.22 -2.63
O3 Y6V K . -14.13 -14.92 -1.49
C16 Y6V K . -15.45 -14.66 -1.73
C17 Y6V K . -16.30 -14.71 -0.65
O1 Y6V L . -22.73 -1.31 5.76
C1 Y6V L . -22.34 -1.38 6.93
N1 Y6V L . -22.78 -0.46 7.85
C2 Y6V L . -23.46 0.76 7.39
C3 Y6V L . -22.51 1.88 7.11
C4 Y6V L . -22.72 3.24 7.39
C5 Y6V L . -21.59 4.01 7.00
C6 Y6V L . -20.71 3.31 6.26
S1 Y6V L . -20.98 1.65 6.37
C7 Y6V L . -22.58 -0.63 9.32
C8 Y6V L . -23.70 -0.43 10.28
C9 Y6V L . -23.19 -1.79 10.04
C10 Y6V L . -21.37 -2.49 7.26
C11 Y6V L . -21.59 -3.77 6.73
C12 Y6V L . -20.67 -4.78 6.93
C13 Y6V L . -19.51 -4.53 7.66
N2 Y6V L . -18.55 -5.52 7.90
C14 Y6V L . -17.46 -5.31 8.66
O2 Y6V L . -16.53 -6.11 8.70
C15 Y6V L . -17.43 -4.03 9.45
O3 Y6V L . -18.18 -2.95 8.92
C16 Y6V L . -19.31 -3.26 8.20
C17 Y6V L . -20.21 -2.24 7.99
O1 Y6V M . -22.20 4.46 -6.70
C1 Y6V M . -22.02 5.63 -6.41
N1 Y6V M . -22.17 6.57 -7.39
C2 Y6V M . -22.27 6.11 -8.78
C3 Y6V M . -20.91 6.03 -9.43
C4 Y6V M . -20.54 6.51 -10.68
C5 Y6V M . -19.53 5.62 -11.19
C6 Y6V M . -18.89 4.93 -10.22
S1 Y6V M . -19.60 5.18 -8.70
C7 Y6V M . -22.13 8.02 -7.11
C8 Y6V M . -23.16 8.61 -6.21
C9 Y6V M . -23.18 8.92 -7.67
C10 Y6V M . -21.53 5.93 -5.02
C11 Y6V M . -22.15 5.34 -3.92
C12 Y6V M . -21.63 5.50 -2.65
C13 Y6V M . -20.48 6.27 -2.47
N2 Y6V M . -19.91 6.51 -1.21
C14 Y6V M . -18.86 7.34 -1.02
O2 Y6V M . -18.17 7.29 -0.02
C15 Y6V M . -18.54 8.25 -2.18
O3 Y6V M . -18.74 7.63 -3.46
C16 Y6V M . -19.88 6.89 -3.57
C17 Y6V M . -20.38 6.70 -4.84
O1 Y6V N . -18.84 -7.83 -12.03
C1 Y6V N . -18.22 -7.52 -13.05
N1 Y6V N . -17.98 -8.47 -13.99
C2 Y6V N . -18.21 -9.89 -13.66
C3 Y6V N . -16.99 -10.54 -13.08
C4 Y6V N . -16.56 -11.86 -13.30
C5 Y6V N . -15.35 -12.10 -12.59
C6 Y6V N . -15.05 -11.13 -11.71
S1 Y6V N . -15.93 -9.72 -12.02
C7 Y6V N . -17.51 -8.16 -15.35
C8 Y6V N . -18.30 -7.24 -16.23
C9 Y6V N . -18.23 -8.69 -16.54
C10 Y6V N . -17.75 -6.09 -13.15
C11 Y6V N . -18.61 -5.04 -12.80
C12 Y6V N . -18.16 -3.74 -12.78
C13 Y6V N . -16.85 -3.45 -13.17
N2 Y6V N . -16.35 -2.14 -13.22
C14 Y6V N . -15.12 -1.86 -13.64
O2 Y6V N . -14.62 -0.74 -13.48
C15 Y6V N . -14.35 -2.97 -14.31
O3 Y6V N . -14.70 -4.30 -13.93
C16 Y6V N . -16.01 -4.50 -13.57
C17 Y6V N . -16.44 -5.80 -13.53
UNK UNX O . -8.70 2.40 -12.78
O1 Y6V P . 20.05 13.20 -1.24
C1 Y6V P . 19.53 13.75 -2.22
N1 Y6V P . 19.35 15.12 -2.23
C2 Y6V P . 19.49 15.88 -0.97
C3 Y6V P . 18.21 15.98 -0.20
C4 Y6V P . 17.77 17.04 0.58
C5 Y6V P . 16.51 16.75 1.15
C6 Y6V P . 16.16 15.47 1.04
S1 Y6V P . 17.08 14.69 -0.15
C7 Y6V P . 18.98 15.88 -3.44
C8 Y6V P . 19.72 17.13 -3.81
C9 Y6V P . 19.90 15.89 -4.61
C10 Y6V P . 19.10 12.85 -3.34
C11 Y6V P . 19.94 11.82 -3.74
C12 Y6V P . 19.54 10.91 -4.71
C13 Y6V P . 18.27 11.05 -5.28
N2 Y6V P . 17.82 10.16 -6.28
C14 Y6V P . 16.65 10.33 -6.91
O2 Y6V P . 16.18 9.45 -7.63
C15 Y6V P . 15.91 11.61 -6.67
O3 Y6V P . 16.19 12.27 -5.43
C16 Y6V P . 17.44 12.10 -4.90
C17 Y6V P . 17.83 12.97 -3.91
O1 Y6V Q . 23.41 0.76 -5.86
C1 Y6V Q . 23.18 -0.23 -6.56
N1 Y6V Q . 23.44 -0.18 -7.90
C2 Y6V Q . 23.71 1.10 -8.56
C3 Y6V Q . 22.46 1.79 -9.03
C4 Y6V Q . 22.34 2.55 -10.19
C5 Y6V Q . 21.01 3.05 -10.32
C6 Y6V Q . 20.26 2.87 -9.20
S1 Y6V Q . 21.00 1.78 -8.12
C7 Y6V Q . 23.46 -1.37 -8.76
C8 Y6V Q . 24.38 -2.50 -8.45
C9 Y6V Q . 24.65 -1.64 -9.62
C10 Y6V Q . 22.57 -1.42 -5.87
C11 Y6V Q . 23.05 -1.81 -4.62
C12 Y6V Q . 22.44 -2.83 -3.92
C13 Y6V Q . 21.34 -3.49 -4.47
N2 Y6V Q . 20.68 -4.54 -3.80
C14 Y6V Q . 19.67 -5.24 -4.36
O2 Y6V Q . 18.98 -6.00 -3.70
C15 Y6V Q . 19.41 -4.99 -5.82
O3 Y6V Q . 19.80 -3.71 -6.33
C16 Y6V Q . 20.88 -3.12 -5.74
C17 Y6V Q . 21.46 -2.07 -6.41
O1 Y6V R . 22.66 -4.10 6.99
C1 Y6V R . 22.15 -4.85 7.82
N1 Y6V R . 22.53 -6.15 7.86
C2 Y6V R . 23.30 -6.72 6.72
C3 Y6V R . 22.43 -7.28 5.65
C4 Y6V R . 22.68 -8.41 4.88
C5 Y6V R . 21.60 -8.65 3.99
C6 Y6V R . 20.75 -7.61 3.89
S1 Y6V R . 20.95 -6.53 5.17
C7 Y6V R . 22.21 -7.07 8.98
C8 Y6V R . 22.66 -6.74 10.37
C9 Y6V R . 23.29 -7.86 9.63
C10 Y6V R . 21.11 -4.26 8.73
C11 Y6V R . 21.34 -3.00 9.30
C12 Y6V R . 20.37 -2.39 10.07
C13 Y6V R . 19.15 -3.04 10.30
N2 Y6V R . 18.15 -2.47 11.09
C14 Y6V R . 17.01 -3.12 11.37
O2 Y6V R . 16.05 -2.55 11.88
C15 Y6V R . 16.95 -4.58 11.01
O3 Y6V R . 17.78 -4.99 9.93
C16 Y6V R . 18.95 -4.31 9.76
C17 Y6V R . 19.90 -4.91 8.96
#